data_4DLO
#
_entry.id   4DLO
#
_cell.length_a   123.364
_cell.length_b   128.008
_cell.length_c   160.320
_cell.angle_alpha   90.00
_cell.angle_beta   90.00
_cell.angle_gamma   90.00
#
_symmetry.space_group_name_H-M   'C 2 2 21'
#
loop_
_entity.id
_entity.type
_entity.pdbx_description
1 polymer 'Brain-specific angiogenesis inhibitor 3'
2 branched beta-L-fucopyranose-(1-3)-[2-acetamido-2-deoxy-beta-D-glucopyranose-(1-4)]2-acetamido-2-deoxy-beta-D-glucopyranose
3 branched 2-acetamido-2-deoxy-beta-D-glucopyranose-(1-4)-2-acetamido-2-deoxy-beta-D-glucopyranose
4 non-polymer GLYCEROL
5 non-polymer 2-acetamido-2-deoxy-beta-D-glucopyranose
6 water water
#
_entity_poly.entity_id   1
_entity_poly.type   'polypeptide(L)'
_entity_poly.pdbx_seq_one_letter_code
;ADPEVRRCSEQRCPAPYEICPEDYLMSMVWKRTPAGDLAFNQCPLNATGTTSRRCSLSLHGVAFWEQPSFARCISNEYRH
LQHSIKEHLAKGQRMLAGDGMSQVTKTLLDLTQRKNFYAGDLLMSVEILRNVTDTFKRASYIPASDGVQNFFQIVSNLLD
EENKEKWEDAQQIYPGSIELMQVIEDFIHIVGMGMMDFQNSYLMTGNVVASIQKLPAASVLTDINFPMKGRKGMVDWARN
SEDRVVIPKSIFTPVSSKELDESSVFVLGAVLYKNLDLILPTLRNYTVINSKIIVVTIRPEPKTTDSFLEIELAHLANGT
LNPYCVLWDDSKTNESLGTWSTQGCKTVLTDASHTKCLCDRLSTFAILAQQPREHHHHHHHH
;
_entity_poly.pdbx_strand_id   A,B
#
loop_
_chem_comp.id
_chem_comp.type
_chem_comp.name
_chem_comp.formula
FUL L-saccharide, beta linking beta-L-fucopyranose 'C6 H12 O5'
GOL non-polymer GLYCEROL 'C3 H8 O3'
NAG D-saccharide, beta linking 2-acetamido-2-deoxy-beta-D-glucopyranose 'C8 H15 N O6'
#
# COMPACT_ATOMS: atom_id res chain seq x y z
N PRO A 14 -23.71 39.35 -1.88
CA PRO A 14 -24.01 40.67 -1.32
C PRO A 14 -23.07 40.98 -0.16
N ALA A 15 -21.87 41.45 -0.49
CA ALA A 15 -20.81 41.56 0.50
C ALA A 15 -19.79 42.63 0.12
N PRO A 16 -19.01 43.09 1.11
CA PRO A 16 -17.91 43.97 0.70
C PRO A 16 -17.01 43.28 -0.34
N TYR A 17 -16.53 44.12 -1.25
CA TYR A 17 -15.76 43.75 -2.43
C TYR A 17 -14.31 44.08 -2.04
N GLU A 18 -13.49 43.05 -1.80
CA GLU A 18 -12.11 43.26 -1.33
C GLU A 18 -11.12 43.43 -2.46
N ILE A 19 -10.22 44.41 -2.30
CA ILE A 19 -9.28 44.83 -3.33
C ILE A 19 -7.81 44.71 -2.86
N CYS A 20 -6.98 44.00 -3.61
CA CYS A 20 -5.54 44.00 -3.37
C CYS A 20 -4.96 45.39 -3.66
N PRO A 21 -4.09 45.87 -2.79
CA PRO A 21 -3.56 47.23 -2.97
C PRO A 21 -2.50 47.28 -4.10
N GLU A 22 -2.31 48.47 -4.65
CA GLU A 22 -1.23 48.68 -5.58
C GLU A 22 0.07 48.25 -4.92
N ASP A 23 0.90 47.54 -5.67
CA ASP A 23 2.08 46.94 -5.09
C ASP A 23 3.22 46.90 -6.14
N TYR A 24 4.47 46.84 -5.70
CA TYR A 24 5.62 47.04 -6.60
C TYR A 24 6.59 45.84 -6.61
N LEU A 25 6.16 44.70 -6.10
CA LEU A 25 7.00 43.49 -6.07
C LEU A 25 7.62 43.22 -7.43
N MET A 26 8.92 42.96 -7.40
CA MET A 26 9.68 42.63 -8.59
C MET A 26 9.79 43.76 -9.59
N SER A 27 9.72 45.00 -9.08
CA SER A 27 9.97 46.18 -9.92
C SER A 27 8.96 46.31 -11.03
N MET A 28 7.70 46.02 -10.71
CA MET A 28 6.62 46.21 -11.65
C MET A 28 5.48 46.83 -10.87
N VAL A 29 4.63 47.57 -11.55
CA VAL A 29 3.46 48.13 -10.89
C VAL A 29 2.29 47.17 -11.03
N TRP A 30 1.86 46.61 -9.90
CA TRP A 30 0.62 45.83 -9.85
C TRP A 30 -0.48 46.73 -9.35
N LYS A 31 -1.41 47.04 -10.26
CA LYS A 31 -2.50 47.96 -9.96
C LYS A 31 -3.47 47.34 -8.97
N ARG A 32 -4.19 48.19 -8.24
CA ARG A 32 -5.33 47.75 -7.44
C ARG A 32 -6.16 46.74 -8.22
N THR A 33 -6.45 45.61 -7.59
CA THR A 33 -7.11 44.50 -8.26
C THR A 33 -8.07 43.78 -7.30
N PRO A 34 -9.31 43.53 -7.74
CA PRO A 34 -10.32 42.86 -6.91
C PRO A 34 -9.98 41.40 -6.62
N ALA A 35 -10.34 40.91 -5.45
CA ALA A 35 -10.14 39.48 -5.17
C ALA A 35 -10.84 38.64 -6.22
N GLY A 36 -10.19 37.56 -6.65
CA GLY A 36 -10.71 36.72 -7.72
C GLY A 36 -10.15 37.07 -9.09
N ASP A 37 -9.57 38.26 -9.23
CA ASP A 37 -9.05 38.71 -10.52
C ASP A 37 -7.54 38.65 -10.65
N LEU A 38 -7.09 38.77 -11.89
CA LEU A 38 -5.69 38.79 -12.26
C LEU A 38 -5.26 40.18 -12.67
N ALA A 39 -4.03 40.57 -12.29
CA ALA A 39 -3.35 41.72 -12.87
C ALA A 39 -2.26 41.20 -13.84
N PHE A 40 -1.91 42.01 -14.83
CA PHE A 40 -0.97 41.59 -15.84
C PHE A 40 0.16 42.59 -15.98
N ASN A 41 1.31 42.11 -16.43
CA ASN A 41 2.47 42.96 -16.63
C ASN A 41 3.34 42.31 -17.68
N GLN A 42 4.48 42.91 -17.94
CA GLN A 42 5.39 42.35 -18.91
C GLN A 42 6.44 41.58 -18.15
N CYS A 43 7.48 41.15 -18.84
CA CYS A 43 8.48 40.26 -18.25
C CYS A 43 9.75 41.07 -18.06
N PRO A 44 10.68 40.56 -17.25
CA PRO A 44 11.94 41.31 -17.04
C PRO A 44 12.71 41.49 -18.34
N LEU A 45 13.68 42.41 -18.33
CA LEU A 45 14.54 42.64 -19.47
C LEU A 45 15.22 41.34 -19.92
N ASN A 46 15.33 41.17 -21.22
CA ASN A 46 15.94 39.99 -21.85
C ASN A 46 15.00 38.80 -21.95
N ALA A 47 13.72 39.06 -21.68
CA ALA A 47 12.68 38.07 -21.89
C ALA A 47 11.51 38.75 -22.57
N THR A 48 10.63 37.96 -23.16
CA THR A 48 9.39 38.49 -23.70
C THR A 48 8.26 37.61 -23.20
N GLY A 49 7.03 38.09 -23.39
CA GLY A 49 5.85 37.36 -22.96
C GLY A 49 5.17 38.24 -21.93
N THR A 50 4.41 37.65 -21.03
CA THR A 50 3.78 38.43 -19.97
C THR A 50 3.89 37.74 -18.61
N THR A 51 3.65 38.55 -17.58
CA THR A 51 3.53 38.08 -16.21
C THR A 51 2.12 38.34 -15.76
N SER A 52 1.67 37.57 -14.79
CA SER A 52 0.33 37.75 -14.24
C SER A 52 0.41 37.57 -12.74
N ARG A 53 -0.58 38.07 -12.03
CA ARG A 53 -0.60 37.94 -10.59
C ARG A 53 -2.04 37.88 -10.12
N ARG A 54 -2.33 36.91 -9.27
CA ARG A 54 -3.69 36.75 -8.80
C ARG A 54 -3.91 37.44 -7.45
N CYS A 55 -5.04 38.10 -7.32
CA CYS A 55 -5.44 38.59 -6.02
C CYS A 55 -6.47 37.60 -5.46
N SER A 56 -6.25 37.15 -4.24
CA SER A 56 -7.12 36.13 -3.63
C SER A 56 -7.72 36.59 -2.29
N LEU A 57 -8.65 35.80 -1.78
CA LEU A 57 -9.36 36.11 -0.55
C LEU A 57 -8.90 35.15 0.50
N SER A 58 -8.49 35.64 1.66
CA SER A 58 -7.94 34.76 2.70
C SER A 58 -9.07 34.03 3.41
N LEU A 59 -8.71 33.14 4.34
CA LEU A 59 -9.70 32.42 5.13
C LEU A 59 -10.59 33.42 5.88
N HIS A 60 -10.01 34.54 6.29
CA HIS A 60 -10.73 35.54 7.08
C HIS A 60 -11.33 36.69 6.25
N GLY A 61 -11.38 36.53 4.93
CA GLY A 61 -12.06 37.50 4.07
C GLY A 61 -11.27 38.77 3.72
N VAL A 62 -9.95 38.67 3.71
CA VAL A 62 -9.06 39.78 3.44
C VAL A 62 -8.28 39.50 2.17
N ALA A 63 -8.27 40.45 1.26
CA ALA A 63 -7.56 40.29 0.00
C ALA A 63 -6.07 40.18 0.22
N PHE A 64 -5.40 39.33 -0.56
CA PHE A 64 -3.95 39.26 -0.54
C PHE A 64 -3.47 38.87 -1.93
N TRP A 65 -2.25 39.27 -2.25
CA TRP A 65 -1.69 39.01 -3.57
C TRP A 65 -1.02 37.64 -3.56
N GLU A 66 -1.23 36.86 -4.61
CA GLU A 66 -0.40 35.67 -4.77
C GLU A 66 0.92 36.07 -5.42
N GLN A 67 1.85 35.13 -5.48
CA GLN A 67 3.11 35.39 -6.14
C GLN A 67 2.88 35.63 -7.63
N PRO A 68 3.62 36.58 -8.23
CA PRO A 68 3.53 36.78 -9.69
C PRO A 68 3.89 35.49 -10.41
N SER A 69 3.20 35.17 -11.50
CA SER A 69 3.57 34.02 -12.33
C SER A 69 4.44 34.43 -13.53
N PHE A 70 5.52 33.68 -13.73
CA PHE A 70 6.43 33.88 -14.86
C PHE A 70 6.24 32.72 -15.87
N ALA A 71 5.12 32.01 -15.74
CA ALA A 71 4.84 30.87 -16.63
C ALA A 71 4.85 31.27 -18.10
N ARG A 72 4.66 32.56 -18.40
CA ARG A 72 4.63 33.01 -19.79
C ARG A 72 5.75 33.95 -20.11
N CYS A 73 6.82 33.93 -19.30
CA CYS A 73 8.03 34.67 -19.67
C CYS A 73 9.01 33.69 -20.26
N ILE A 74 9.56 34.09 -21.41
CA ILE A 74 10.56 33.32 -22.10
C ILE A 74 11.82 34.16 -22.23
N SER A 75 12.95 33.62 -21.77
CA SER A 75 14.23 34.29 -21.98
C SER A 75 14.51 34.34 -23.48
N ASN A 76 15.23 35.38 -23.91
CA ASN A 76 15.51 35.58 -25.33
C ASN A 76 16.25 34.43 -25.99
N GLU A 77 17.25 33.88 -25.31
CA GLU A 77 18.04 32.79 -25.88
C GLU A 77 17.15 31.57 -26.17
N TYR A 78 16.13 31.33 -25.35
CA TYR A 78 15.27 30.17 -25.58
C TYR A 78 14.35 30.41 -26.76
N ARG A 79 13.84 31.63 -26.85
CA ARG A 79 13.02 32.00 -27.99
C ARG A 79 13.83 31.93 -29.28
N HIS A 80 15.02 32.53 -29.27
CA HIS A 80 15.88 32.45 -30.45
C HIS A 80 16.14 30.99 -30.84
N LEU A 81 16.35 30.13 -29.86
CA LEU A 81 16.60 28.72 -30.15
C LEU A 81 15.41 28.09 -30.87
N GLN A 82 14.21 28.33 -30.35
CA GLN A 82 13.01 27.73 -30.91
C GLN A 82 12.74 28.24 -32.33
N HIS A 83 13.02 29.50 -32.58
CA HIS A 83 12.86 30.07 -33.91
C HIS A 83 13.88 29.54 -34.91
N SER A 84 15.06 29.16 -34.44
CA SER A 84 16.10 28.70 -35.36
C SER A 84 15.77 27.29 -35.90
N ILE A 85 14.88 26.58 -35.20
CA ILE A 85 14.49 25.24 -35.61
C ILE A 85 13.88 25.21 -37.01
N LYS A 86 13.03 26.18 -37.32
CA LYS A 86 12.43 26.23 -38.66
C LYS A 86 13.49 26.41 -39.74
N GLU A 87 14.55 27.14 -39.43
CA GLU A 87 15.61 27.39 -40.41
C GLU A 87 16.24 26.10 -40.89
N HIS A 88 16.32 25.11 -40.02
CA HIS A 88 16.95 23.84 -40.35
C HIS A 88 16.03 22.95 -41.17
N LEU A 89 14.74 23.24 -41.13
CA LEU A 89 13.75 22.47 -41.85
C LEU A 89 13.51 23.04 -43.26
N ALA A 90 13.36 24.36 -43.34
CA ALA A 90 13.09 25.05 -44.59
C ALA A 90 13.79 24.39 -45.78
N ARG A 94 16.56 15.84 -45.24
CA ARG A 94 16.46 14.95 -44.09
C ARG A 94 17.72 15.02 -43.26
N MET A 95 18.87 14.92 -43.95
CA MET A 95 20.16 15.04 -43.28
C MET A 95 20.30 16.43 -42.67
N LEU A 96 19.98 17.46 -43.45
CA LEU A 96 19.99 18.82 -42.94
C LEU A 96 19.11 18.92 -41.71
N ALA A 97 17.91 18.39 -41.81
CA ALA A 97 16.94 18.48 -40.72
C ALA A 97 17.47 17.79 -39.45
N GLY A 98 18.07 16.62 -39.62
CA GLY A 98 18.57 15.83 -38.51
C GLY A 98 19.82 16.40 -37.87
N ASP A 99 20.81 16.74 -38.69
CA ASP A 99 22.01 17.43 -38.21
C ASP A 99 21.60 18.72 -37.50
N GLY A 100 20.65 19.43 -38.10
CA GLY A 100 20.07 20.62 -37.51
C GLY A 100 19.61 20.35 -36.09
N MET A 101 18.79 19.33 -35.90
CA MET A 101 18.23 19.01 -34.59
C MET A 101 19.30 18.65 -33.56
N SER A 102 20.40 18.05 -34.02
CA SER A 102 21.54 17.72 -33.18
C SER A 102 22.23 18.98 -32.66
N GLN A 103 22.34 19.99 -33.52
CA GLN A 103 22.87 21.29 -33.11
C GLN A 103 21.93 21.97 -32.10
N VAL A 104 20.63 21.95 -32.38
CA VAL A 104 19.65 22.54 -31.48
C VAL A 104 19.75 21.89 -30.10
N THR A 105 19.93 20.58 -30.11
CA THR A 105 20.03 19.81 -28.87
C THR A 105 21.27 20.21 -28.08
N LYS A 106 22.38 20.39 -28.77
CA LYS A 106 23.61 20.82 -28.13
C LYS A 106 23.44 22.19 -27.51
N THR A 107 22.79 23.09 -28.26
CA THR A 107 22.52 24.46 -27.78
C THR A 107 21.57 24.48 -26.59
N LEU A 108 20.52 23.64 -26.62
CA LEU A 108 19.61 23.54 -25.48
C LEU A 108 20.35 23.07 -24.23
N LEU A 109 21.31 22.17 -24.41
CA LEU A 109 22.04 21.62 -23.27
C LEU A 109 22.87 22.71 -22.62
N ASP A 110 23.64 23.43 -23.44
CA ASP A 110 24.40 24.58 -22.96
C ASP A 110 23.51 25.55 -22.20
N LEU A 111 22.35 25.89 -22.77
CA LEU A 111 21.43 26.79 -22.08
C LEU A 111 21.05 26.26 -20.69
N THR A 112 20.52 25.05 -20.65
CA THR A 112 20.02 24.50 -19.39
C THR A 112 21.16 24.39 -18.37
N GLN A 113 22.39 24.49 -18.84
CA GLN A 113 23.53 24.36 -17.93
C GLN A 113 23.82 25.69 -17.23
N ARG A 114 23.37 26.79 -17.81
CA ARG A 114 23.47 28.10 -17.17
C ARG A 114 22.40 28.25 -16.09
N LYS A 115 21.42 27.34 -16.10
CA LYS A 115 20.26 27.47 -15.24
C LYS A 115 19.66 28.87 -15.34
N ASN A 116 19.16 29.40 -14.23
CA ASN A 116 18.40 30.66 -14.22
C ASN A 116 17.25 30.69 -15.24
N PHE A 117 16.52 29.58 -15.33
CA PHE A 117 15.29 29.52 -16.11
C PHE A 117 14.23 30.51 -15.58
N TYR A 118 13.32 30.94 -16.43
CA TYR A 118 11.99 31.34 -16.00
C TYR A 118 11.10 30.09 -16.11
N ALA A 119 10.00 30.09 -15.39
CA ALA A 119 9.02 29.02 -15.56
C ALA A 119 8.68 28.80 -17.04
N GLY A 120 8.50 29.89 -17.78
CA GLY A 120 8.21 29.80 -19.22
C GLY A 120 9.31 29.13 -20.03
N ASP A 121 10.54 29.19 -19.52
CA ASP A 121 11.69 28.55 -20.17
C ASP A 121 11.65 27.03 -19.98
N LEU A 122 11.07 26.58 -18.87
CA LEU A 122 10.93 25.14 -18.65
C LEU A 122 9.95 24.60 -19.70
N LEU A 123 8.81 25.28 -19.84
CA LEU A 123 7.84 24.95 -20.88
C LEU A 123 8.47 25.02 -22.27
N MET A 124 9.19 26.10 -22.57
CA MET A 124 9.79 26.24 -23.90
C MET A 124 10.79 25.11 -24.15
N SER A 125 11.54 24.72 -23.12
CA SER A 125 12.48 23.62 -23.26
C SER A 125 11.76 22.32 -23.63
N VAL A 126 10.59 22.05 -23.05
CA VAL A 126 9.87 20.82 -23.38
C VAL A 126 9.39 20.87 -24.84
N GLU A 127 8.88 22.04 -25.23
CA GLU A 127 8.41 22.27 -26.59
C GLU A 127 9.53 22.06 -27.61
N ILE A 128 10.72 22.58 -27.30
CA ILE A 128 11.88 22.34 -28.15
C ILE A 128 12.20 20.83 -28.24
N LEU A 129 12.23 20.14 -27.10
CA LEU A 129 12.51 18.69 -27.13
C LEU A 129 11.41 17.91 -27.91
N ARG A 130 10.17 18.36 -27.80
CA ARG A 130 9.06 17.78 -28.51
C ARG A 130 9.24 17.96 -30.04
N ASN A 131 9.54 19.19 -30.45
CA ASN A 131 9.76 19.50 -31.85
C ASN A 131 10.98 18.79 -32.43
N VAL A 132 12.02 18.66 -31.61
CA VAL A 132 13.20 17.90 -32.00
C VAL A 132 12.88 16.41 -32.17
N THR A 133 12.11 15.85 -31.24
CA THR A 133 11.74 14.44 -31.30
C THR A 133 10.84 14.16 -32.51
N ASP A 134 9.87 15.04 -32.77
CA ASP A 134 9.01 14.92 -33.93
C ASP A 134 9.77 15.04 -35.25
N THR A 135 10.78 15.92 -35.27
CA THR A 135 11.60 16.09 -36.46
C THR A 135 12.43 14.82 -36.77
N PHE A 136 13.09 14.25 -35.76
CA PHE A 136 13.80 12.98 -35.94
C PHE A 136 12.88 11.90 -36.52
N LYS A 137 11.65 11.84 -36.04
CA LYS A 137 10.69 10.83 -36.45
C LYS A 137 10.29 11.02 -37.91
N ARG A 138 9.83 12.22 -38.25
CA ARG A 138 9.40 12.54 -39.59
C ARG A 138 10.51 12.32 -40.62
N ALA A 139 11.75 12.52 -40.20
CA ALA A 139 12.90 12.48 -41.10
C ALA A 139 13.59 11.13 -41.09
N SER A 140 13.05 10.19 -40.33
CA SER A 140 13.64 8.85 -40.24
C SER A 140 15.12 8.98 -39.93
N TYR A 141 15.43 9.83 -38.96
CA TYR A 141 16.80 10.13 -38.58
C TYR A 141 17.00 9.72 -37.12
N ILE A 142 17.97 8.85 -36.87
CA ILE A 142 18.27 8.45 -35.50
C ILE A 142 19.45 9.27 -35.03
N PRO A 143 19.34 9.91 -33.86
CA PRO A 143 20.48 10.74 -33.47
C PRO A 143 21.67 9.85 -33.09
N ALA A 144 22.88 10.41 -33.06
CA ALA A 144 24.06 9.64 -32.63
C ALA A 144 24.11 9.50 -31.11
N SER A 145 25.00 8.63 -30.63
CA SER A 145 24.99 8.29 -29.21
C SER A 145 25.19 9.52 -28.31
N ASP A 146 26.02 10.46 -28.73
CA ASP A 146 26.25 11.67 -27.94
C ASP A 146 25.04 12.59 -27.91
N GLY A 147 24.21 12.49 -28.95
CA GLY A 147 22.97 13.26 -29.01
C GLY A 147 21.93 12.66 -28.08
N VAL A 148 21.95 11.35 -27.96
CA VAL A 148 21.10 10.63 -27.02
C VAL A 148 21.47 11.05 -25.60
N GLN A 149 22.77 11.02 -25.29
CA GLN A 149 23.24 11.43 -23.99
C GLN A 149 22.88 12.88 -23.70
N ASN A 150 23.05 13.77 -24.69
CA ASN A 150 22.67 15.18 -24.54
C ASN A 150 21.18 15.37 -24.21
N PHE A 151 20.33 14.62 -24.90
CA PHE A 151 18.90 14.68 -24.63
C PHE A 151 18.62 14.33 -23.18
N PHE A 152 19.22 13.25 -22.68
CA PHE A 152 18.98 12.88 -21.29
C PHE A 152 19.54 13.87 -20.28
N GLN A 153 20.69 14.45 -20.59
CA GLN A 153 21.30 15.42 -19.70
C GLN A 153 20.41 16.66 -19.61
N ILE A 154 19.83 17.07 -20.73
CA ILE A 154 18.87 18.17 -20.74
C ILE A 154 17.70 17.88 -19.78
N VAL A 155 17.07 16.74 -19.95
CA VAL A 155 16.01 16.33 -19.05
C VAL A 155 16.44 16.36 -17.58
N SER A 156 17.60 15.78 -17.29
CA SER A 156 18.13 15.78 -15.93
C SER A 156 18.26 17.21 -15.39
N ASN A 157 18.78 18.12 -16.22
CA ASN A 157 18.89 19.52 -15.83
C ASN A 157 17.51 20.18 -15.57
N LEU A 158 16.56 19.99 -16.47
CA LEU A 158 15.21 20.49 -16.25
C LEU A 158 14.65 20.04 -14.91
N LEU A 159 15.03 18.85 -14.47
CA LEU A 159 14.46 18.23 -13.27
C LEU A 159 15.26 18.50 -11.99
N ASP A 160 16.27 19.33 -12.12
CA ASP A 160 16.92 19.86 -10.94
C ASP A 160 15.89 20.30 -9.88
N GLU A 161 16.15 19.86 -8.66
CA GLU A 161 15.38 20.17 -7.47
C GLU A 161 15.12 21.67 -7.32
N GLU A 162 16.10 22.47 -7.69
CA GLU A 162 15.98 23.93 -7.64
C GLU A 162 14.81 24.47 -8.45
N ASN A 163 14.37 23.74 -9.48
CA ASN A 163 13.36 24.26 -10.43
C ASN A 163 11.97 23.93 -9.98
N LYS A 164 11.87 23.27 -8.85
CA LYS A 164 10.58 22.79 -8.36
C LYS A 164 9.51 23.91 -8.33
N GLU A 165 9.82 25.06 -7.76
CA GLU A 165 8.84 26.14 -7.67
C GLU A 165 8.47 26.70 -9.07
N LYS A 166 9.47 26.86 -9.92
CA LYS A 166 9.22 27.25 -11.29
C LYS A 166 8.32 26.25 -12.05
N TRP A 167 8.49 24.95 -11.83
CA TRP A 167 7.62 23.94 -12.45
C TRP A 167 6.18 24.09 -11.99
N GLU A 168 6.01 24.30 -10.69
CA GLU A 168 4.71 24.55 -10.12
C GLU A 168 4.10 25.80 -10.74
N ASP A 169 4.89 26.84 -10.90
CA ASP A 169 4.43 28.05 -11.60
C ASP A 169 4.01 27.70 -13.05
N ALA A 170 4.90 27.08 -13.81
CA ALA A 170 4.61 26.70 -15.20
C ALA A 170 3.31 25.89 -15.30
N GLN A 171 3.11 24.99 -14.36
CA GLN A 171 2.00 24.05 -14.43
C GLN A 171 0.63 24.65 -14.08
N GLN A 172 0.61 25.93 -13.72
CA GLN A 172 -0.65 26.67 -13.62
C GLN A 172 -1.31 26.85 -15.00
N ILE A 173 -0.54 26.75 -16.08
CA ILE A 173 -1.09 26.96 -17.42
C ILE A 173 -0.92 25.77 -18.37
N TYR A 174 0.04 24.91 -18.10
CA TYR A 174 0.25 23.76 -18.96
C TYR A 174 0.92 22.60 -18.21
N PRO A 175 0.45 21.38 -18.46
CA PRO A 175 1.03 20.22 -17.77
C PRO A 175 2.40 19.85 -18.34
N GLY A 176 3.39 20.72 -18.13
CA GLY A 176 4.71 20.57 -18.73
C GLY A 176 5.45 19.28 -18.37
N SER A 177 5.34 18.83 -17.12
CA SER A 177 6.06 17.64 -16.72
C SER A 177 5.44 16.35 -17.28
N ILE A 178 4.12 16.31 -17.44
CA ILE A 178 3.50 15.20 -18.15
C ILE A 178 3.93 15.19 -19.61
N GLU A 179 3.93 16.36 -20.25
CA GLU A 179 4.34 16.44 -21.64
C GLU A 179 5.78 15.96 -21.76
N LEU A 180 6.58 16.28 -20.76
CA LEU A 180 7.97 15.92 -20.76
C LEU A 180 8.18 14.39 -20.68
N MET A 181 7.36 13.72 -19.88
CA MET A 181 7.40 12.26 -19.80
C MET A 181 7.08 11.62 -21.13
N GLN A 182 6.10 12.19 -21.83
CA GLN A 182 5.66 11.71 -23.14
C GLN A 182 6.74 11.92 -24.19
N VAL A 183 7.40 13.07 -24.14
CA VAL A 183 8.49 13.34 -25.06
C VAL A 183 9.61 12.34 -24.80
N ILE A 184 9.89 12.08 -23.53
CA ILE A 184 10.91 11.11 -23.17
C ILE A 184 10.58 9.72 -23.72
N GLU A 185 9.32 9.30 -23.61
CA GLU A 185 8.94 7.99 -24.14
C GLU A 185 9.09 7.91 -25.65
N ASP A 186 8.66 8.97 -26.36
CA ASP A 186 8.78 9.01 -27.82
C ASP A 186 10.21 8.99 -28.27
N PHE A 187 11.07 9.70 -27.54
CA PHE A 187 12.48 9.74 -27.91
C PHE A 187 13.11 8.35 -27.73
N ILE A 188 12.78 7.71 -26.62
CA ILE A 188 13.25 6.36 -26.33
C ILE A 188 12.89 5.42 -27.48
N HIS A 189 11.68 5.55 -28.00
CA HIS A 189 11.24 4.68 -29.09
C HIS A 189 11.93 4.91 -30.44
N ILE A 190 12.21 6.18 -30.74
CA ILE A 190 13.03 6.52 -31.89
C ILE A 190 14.44 5.95 -31.77
N VAL A 191 15.03 6.06 -30.59
CA VAL A 191 16.39 5.55 -30.43
C VAL A 191 16.42 4.03 -30.53
N GLY A 192 15.41 3.36 -29.96
CA GLY A 192 15.37 1.92 -29.96
C GLY A 192 15.19 1.36 -31.36
N MET A 193 14.47 2.08 -32.20
CA MET A 193 14.20 1.64 -33.56
C MET A 193 15.51 1.53 -34.34
N GLY A 194 16.47 2.38 -34.01
CA GLY A 194 17.75 2.36 -34.71
C GLY A 194 18.77 1.43 -34.09
N MET A 195 18.41 0.74 -33.01
CA MET A 195 19.34 -0.18 -32.38
C MET A 195 19.33 -1.55 -33.07
N MET A 196 20.36 -2.35 -32.83
CA MET A 196 20.36 -3.74 -33.27
C MET A 196 19.48 -4.60 -32.35
N ASP A 197 18.99 -5.71 -32.91
CA ASP A 197 18.30 -6.73 -32.15
C ASP A 197 19.12 -7.09 -30.93
N PHE A 198 18.45 -7.15 -29.77
CA PHE A 198 19.07 -7.59 -28.53
C PHE A 198 19.97 -6.54 -27.88
N GLN A 199 20.16 -5.40 -28.54
CA GLN A 199 20.97 -4.35 -27.98
C GLN A 199 20.31 -3.70 -26.75
N ASN A 200 21.11 -3.33 -25.76
CA ASN A 200 20.62 -2.72 -24.53
C ASN A 200 21.57 -1.60 -24.12
N SER A 201 21.04 -0.38 -24.03
CA SER A 201 21.81 0.78 -23.60
C SER A 201 21.22 1.41 -22.35
N TYR A 202 22.09 1.75 -21.40
CA TYR A 202 21.68 2.57 -20.25
C TYR A 202 22.11 4.02 -20.42
N LEU A 203 21.17 4.91 -20.14
CA LEU A 203 21.43 6.33 -20.06
C LEU A 203 21.40 6.74 -18.60
N MET A 204 22.52 7.27 -18.11
CA MET A 204 22.60 7.67 -16.72
C MET A 204 22.91 9.16 -16.58
N THR A 205 22.20 9.81 -15.67
CA THR A 205 22.45 11.20 -15.33
C THR A 205 22.16 11.36 -13.85
N GLY A 206 22.32 12.58 -13.34
CA GLY A 206 22.10 12.86 -11.93
C GLY A 206 20.64 12.67 -11.53
N ASN A 207 19.70 12.91 -12.46
CA ASN A 207 18.28 12.80 -12.12
C ASN A 207 17.47 11.77 -12.87
N VAL A 208 18.08 11.07 -13.82
CA VAL A 208 17.31 10.13 -14.65
C VAL A 208 18.18 8.94 -15.06
N VAL A 209 17.66 7.74 -14.89
CA VAL A 209 18.27 6.56 -15.48
C VAL A 209 17.25 5.92 -16.42
N ALA A 210 17.67 5.68 -17.66
CA ALA A 210 16.81 5.03 -18.64
C ALA A 210 17.48 3.78 -19.21
N SER A 211 16.69 2.74 -19.44
CA SER A 211 17.16 1.56 -20.17
C SER A 211 16.37 1.44 -21.46
N ILE A 212 17.08 1.15 -22.53
CA ILE A 212 16.47 0.98 -23.85
C ILE A 212 16.97 -0.33 -24.42
N GLN A 213 16.02 -1.18 -24.81
CA GLN A 213 16.34 -2.50 -25.33
C GLN A 213 15.51 -2.81 -26.56
N LYS A 214 16.12 -3.50 -27.50
CA LYS A 214 15.39 -3.96 -28.67
C LYS A 214 15.22 -5.48 -28.59
N LEU A 215 13.98 -5.95 -28.55
CA LEU A 215 13.71 -7.34 -28.18
C LEU A 215 12.79 -8.05 -29.18
N PRO A 216 13.35 -8.95 -30.02
CA PRO A 216 12.48 -9.69 -30.94
C PRO A 216 11.42 -10.45 -30.15
N ALA A 217 10.20 -10.46 -30.65
CA ALA A 217 9.13 -11.16 -29.97
C ALA A 217 9.52 -12.64 -29.87
N ALA A 218 9.16 -13.24 -28.73
CA ALA A 218 9.43 -14.64 -28.41
C ALA A 218 10.86 -14.92 -27.98
N SER A 219 11.72 -13.90 -27.96
CA SER A 219 13.12 -14.13 -27.64
C SER A 219 13.46 -13.90 -26.18
N VAL A 220 12.50 -13.41 -25.40
CA VAL A 220 12.72 -13.11 -23.99
C VAL A 220 12.36 -14.31 -23.12
N LEU A 221 13.38 -14.90 -22.48
CA LEU A 221 13.19 -16.20 -21.84
C LEU A 221 13.09 -16.16 -20.32
N THR A 222 13.46 -15.02 -19.72
CA THR A 222 13.34 -14.81 -18.30
C THR A 222 12.81 -13.40 -18.07
N ASP A 223 12.27 -13.16 -16.87
CA ASP A 223 11.77 -11.83 -16.52
C ASP A 223 12.91 -10.81 -16.58
N ILE A 224 12.58 -9.57 -16.89
CA ILE A 224 13.58 -8.52 -16.99
C ILE A 224 13.49 -7.60 -15.77
N ASN A 225 14.64 -7.39 -15.11
CA ASN A 225 14.74 -6.55 -13.92
C ASN A 225 15.38 -5.22 -14.29
N PHE A 226 14.77 -4.15 -13.79
CA PHE A 226 15.30 -2.81 -14.02
C PHE A 226 15.12 -2.00 -12.73
N PRO A 227 16.15 -1.27 -12.33
CA PRO A 227 17.42 -1.18 -13.06
C PRO A 227 18.34 -2.30 -12.57
N MET A 228 19.35 -2.67 -13.36
CA MET A 228 20.27 -3.70 -12.86
C MET A 228 21.06 -3.15 -11.66
N LYS A 229 21.24 -3.97 -10.63
CA LYS A 229 21.75 -3.44 -9.36
C LYS A 229 23.21 -3.75 -9.02
N GLY A 230 23.76 -4.79 -9.64
CA GLY A 230 25.07 -5.27 -9.24
C GLY A 230 26.33 -4.49 -9.60
N ARG A 231 26.21 -3.38 -10.34
CA ARG A 231 27.40 -2.73 -10.89
C ARG A 231 27.69 -1.32 -10.38
N LYS A 232 28.96 -1.06 -10.09
CA LYS A 232 29.41 0.26 -9.65
C LYS A 232 29.64 1.20 -10.83
N GLY A 233 29.41 0.70 -12.04
CA GLY A 233 29.38 1.55 -13.22
C GLY A 233 28.09 2.33 -13.22
N MET A 234 27.12 1.86 -12.46
CA MET A 234 25.81 2.49 -12.33
C MET A 234 25.88 3.72 -11.42
N VAL A 235 25.26 4.83 -11.83
CA VAL A 235 25.24 6.04 -10.98
C VAL A 235 24.77 5.72 -9.58
N ASP A 236 25.37 6.38 -8.60
CA ASP A 236 25.20 6.06 -7.18
C ASP A 236 23.76 6.04 -6.72
N TRP A 237 23.03 7.12 -7.00
CA TRP A 237 21.66 7.25 -6.53
C TRP A 237 20.75 6.11 -6.99
N ALA A 238 20.96 5.62 -8.21
CA ALA A 238 20.10 4.56 -8.72
C ALA A 238 20.56 3.19 -8.21
N ARG A 239 21.87 2.98 -8.16
CA ARG A 239 22.44 1.75 -7.63
C ARG A 239 21.94 1.58 -6.19
N ASN A 240 21.91 2.69 -5.47
CA ASN A 240 21.43 2.73 -4.10
C ASN A 240 19.95 2.38 -4.00
N SER A 241 19.16 2.99 -4.87
CA SER A 241 17.71 2.82 -4.87
C SER A 241 17.26 1.40 -4.51
N GLU A 242 16.14 1.32 -3.83
CA GLU A 242 15.45 0.07 -3.63
C GLU A 242 14.23 0.03 -4.53
N ASP A 243 14.18 0.94 -5.48
CA ASP A 243 13.08 0.94 -6.42
C ASP A 243 13.44 0.07 -7.61
N ARG A 244 12.48 -0.67 -8.12
CA ARG A 244 12.75 -1.56 -9.24
C ARG A 244 11.47 -2.11 -9.77
N VAL A 245 11.53 -2.62 -11.00
CA VAL A 245 10.37 -3.24 -11.64
C VAL A 245 10.84 -4.58 -12.22
N VAL A 246 10.05 -5.62 -12.00
CA VAL A 246 10.26 -6.89 -12.67
C VAL A 246 9.23 -7.00 -13.80
N ILE A 247 9.72 -7.06 -15.03
CA ILE A 247 8.84 -7.13 -16.21
C ILE A 247 8.73 -8.58 -16.65
N PRO A 248 7.52 -9.15 -16.68
CA PRO A 248 7.32 -10.58 -16.94
C PRO A 248 7.57 -10.92 -18.39
N LYS A 249 8.14 -12.10 -18.64
CA LYS A 249 8.57 -12.46 -19.98
C LYS A 249 7.40 -12.66 -20.92
N SER A 250 6.29 -13.16 -20.39
CA SER A 250 5.10 -13.45 -21.18
C SER A 250 4.61 -12.26 -22.03
N ILE A 251 4.84 -11.03 -21.57
CA ILE A 251 4.36 -9.90 -22.36
C ILE A 251 5.06 -9.76 -23.72
N PHE A 252 6.11 -10.54 -23.96
CA PHE A 252 6.86 -10.43 -25.22
C PHE A 252 6.54 -11.57 -26.21
N THR A 253 5.53 -12.35 -25.86
CA THR A 253 4.94 -13.33 -26.79
C THR A 253 4.19 -12.65 -27.93
N PRO A 254 4.39 -13.12 -29.16
CA PRO A 254 3.65 -12.54 -30.29
C PRO A 254 2.19 -12.94 -30.20
N VAL A 255 1.29 -12.01 -30.56
CA VAL A 255 -0.13 -12.31 -30.55
C VAL A 255 -0.74 -12.00 -31.91
N SER A 256 -1.55 -12.94 -32.41
CA SER A 256 -2.21 -12.78 -33.70
C SER A 256 -3.11 -11.54 -33.73
N SER A 257 -3.47 -11.05 -32.55
CA SER A 257 -4.33 -9.88 -32.43
C SER A 257 -3.57 -8.57 -32.68
N LEU A 260 1.55 -9.14 -34.45
CA LEU A 260 2.82 -9.62 -33.89
C LEU A 260 3.16 -11.06 -34.33
N ASP A 261 4.40 -11.27 -34.76
CA ASP A 261 4.90 -12.61 -35.12
C ASP A 261 6.42 -12.72 -34.94
N GLU A 262 7.04 -13.67 -35.64
CA GLU A 262 8.50 -13.91 -35.54
C GLU A 262 9.33 -12.77 -36.17
N SER A 263 8.66 -11.94 -36.97
CA SER A 263 9.28 -10.72 -37.49
C SER A 263 9.00 -9.51 -36.59
N SER A 264 8.11 -9.65 -35.60
CA SER A 264 7.80 -8.53 -34.71
C SER A 264 8.95 -8.29 -33.74
N VAL A 265 9.22 -7.02 -33.48
CA VAL A 265 10.29 -6.63 -32.59
C VAL A 265 9.77 -5.56 -31.66
N PHE A 266 10.05 -5.72 -30.38
CA PHE A 266 9.61 -4.75 -29.39
C PHE A 266 10.74 -3.82 -29.05
N VAL A 267 10.41 -2.54 -28.84
CA VAL A 267 11.32 -1.65 -28.12
C VAL A 267 10.82 -1.49 -26.68
N LEU A 268 11.67 -1.84 -25.73
CA LEU A 268 11.36 -1.75 -24.30
C LEU A 268 12.17 -0.59 -23.73
N GLY A 269 11.48 0.41 -23.21
CA GLY A 269 12.14 1.44 -22.41
C GLY A 269 11.68 1.40 -20.96
N ALA A 270 12.63 1.56 -20.05
CA ALA A 270 12.30 1.66 -18.65
C ALA A 270 13.00 2.88 -18.05
N VAL A 271 12.30 3.63 -17.21
CA VAL A 271 12.90 4.83 -16.67
C VAL A 271 12.71 4.93 -15.17
N LEU A 272 13.78 5.32 -14.49
CA LEU A 272 13.71 5.62 -13.07
C LEU A 272 14.04 7.10 -12.90
N TYR A 273 13.13 7.87 -12.30
CA TYR A 273 13.41 9.27 -12.08
C TYR A 273 13.77 9.55 -10.63
N LYS A 274 14.83 10.32 -10.44
CA LYS A 274 15.23 10.63 -9.08
C LYS A 274 14.28 11.54 -8.33
N ASN A 275 13.71 12.55 -8.99
CA ASN A 275 12.95 13.56 -8.25
C ASN A 275 11.80 14.20 -9.06
N LEU A 276 11.32 13.46 -10.06
CA LEU A 276 10.18 13.90 -10.87
C LEU A 276 8.96 13.99 -9.94
N ASP A 277 8.99 13.20 -8.88
CA ASP A 277 7.94 13.22 -7.86
C ASP A 277 7.74 14.59 -7.24
N LEU A 278 8.76 15.44 -7.26
CA LEU A 278 8.64 16.80 -6.71
C LEU A 278 7.72 17.68 -7.55
N ILE A 279 7.48 17.34 -8.81
CA ILE A 279 6.76 18.25 -9.69
C ILE A 279 5.50 17.70 -10.38
N LEU A 280 5.38 16.37 -10.52
CA LEU A 280 4.16 15.83 -11.11
C LEU A 280 2.94 16.17 -10.28
N PRO A 281 1.83 16.48 -10.94
CA PRO A 281 0.64 16.89 -10.17
C PRO A 281 -0.03 15.64 -9.60
N THR A 282 -0.73 15.78 -8.49
CA THR A 282 -1.44 14.64 -7.92
C THR A 282 -2.92 14.71 -8.25
N LEU A 283 -3.37 15.91 -8.61
CA LEU A 283 -4.76 16.14 -9.00
C LEU A 283 -5.74 15.68 -7.92
N ARG A 284 -5.32 15.77 -6.66
CA ARG A 284 -6.20 15.46 -5.53
C ARG A 284 -5.79 16.30 -4.32
N ASN A 285 -6.75 16.65 -3.46
CA ASN A 285 -6.44 17.44 -2.27
C ASN A 285 -5.69 16.62 -1.20
N TYR A 286 -4.72 17.25 -0.55
CA TYR A 286 -4.00 16.64 0.56
C TYR A 286 -3.41 15.30 0.16
N THR A 287 -3.08 15.17 -1.12
CA THR A 287 -2.46 13.97 -1.63
C THR A 287 -1.05 14.26 -2.11
N VAL A 288 -0.11 13.39 -1.77
CA VAL A 288 1.26 13.56 -2.23
C VAL A 288 1.79 12.34 -2.94
N ILE A 289 2.75 12.56 -3.82
CA ILE A 289 3.45 11.45 -4.42
C ILE A 289 4.49 11.01 -3.38
N ASN A 290 4.44 9.74 -2.98
CA ASN A 290 5.27 9.26 -1.87
C ASN A 290 6.31 8.21 -2.30
N SER A 291 6.73 8.28 -3.56
CA SER A 291 7.80 7.45 -4.07
C SER A 291 8.47 8.12 -5.25
N LYS A 292 9.63 7.62 -5.64
CA LYS A 292 10.18 7.99 -6.94
C LYS A 292 9.24 7.53 -8.07
N ILE A 293 9.48 7.99 -9.29
CA ILE A 293 8.60 7.66 -10.41
C ILE A 293 9.28 6.62 -11.29
N ILE A 294 8.54 5.60 -11.68
CA ILE A 294 9.11 4.57 -12.50
C ILE A 294 8.23 4.30 -13.74
N VAL A 295 8.86 4.22 -14.89
CA VAL A 295 8.13 4.09 -16.18
C VAL A 295 8.52 2.79 -16.92
N VAL A 296 7.54 2.09 -17.47
CA VAL A 296 7.84 1.01 -18.40
C VAL A 296 7.03 1.21 -19.68
N THR A 297 7.72 1.41 -20.79
CA THR A 297 7.04 1.65 -22.08
C THR A 297 7.47 0.60 -23.13
N ILE A 298 6.49 -0.01 -23.79
CA ILE A 298 6.78 -1.01 -24.83
C ILE A 298 6.00 -0.76 -26.11
N ARG A 299 6.71 -0.74 -27.23
CA ARG A 299 6.08 -0.60 -28.54
C ARG A 299 6.66 -1.59 -29.54
N PRO A 300 5.80 -2.14 -30.40
CA PRO A 300 4.35 -1.88 -30.39
C PRO A 300 3.73 -2.45 -29.13
N GLU A 301 2.51 -2.04 -28.82
CA GLU A 301 1.81 -2.52 -27.64
C GLU A 301 1.58 -4.02 -27.70
N PRO A 302 1.98 -4.73 -26.64
CA PRO A 302 1.65 -6.13 -26.46
C PRO A 302 0.33 -6.31 -25.71
N LYS A 303 -0.17 -7.54 -25.68
CA LYS A 303 -1.17 -7.93 -24.69
C LYS A 303 -0.52 -7.95 -23.30
N THR A 304 -1.06 -7.17 -22.37
CA THR A 304 -0.54 -7.11 -21.00
C THR A 304 -1.48 -7.74 -19.99
N THR A 305 -2.72 -7.98 -20.40
CA THR A 305 -3.72 -8.54 -19.48
C THR A 305 -3.20 -9.83 -18.81
N ASP A 306 -3.45 -9.95 -17.50
CA ASP A 306 -3.00 -11.09 -16.71
C ASP A 306 -1.47 -11.33 -16.68
N SER A 307 -0.70 -10.38 -17.20
CA SER A 307 0.75 -10.37 -17.01
C SER A 307 1.11 -9.20 -16.14
N PHE A 308 1.36 -9.46 -14.86
CA PHE A 308 1.56 -8.36 -13.91
C PHE A 308 2.99 -7.92 -13.77
N LEU A 309 3.24 -6.64 -14.01
CA LEU A 309 4.52 -6.07 -13.63
C LEU A 309 4.52 -6.01 -12.13
N GLU A 310 5.69 -6.23 -11.54
CA GLU A 310 5.87 -6.15 -10.11
C GLU A 310 6.79 -4.98 -9.84
N ILE A 311 6.25 -3.94 -9.22
CA ILE A 311 6.98 -2.71 -9.02
C ILE A 311 7.19 -2.50 -7.52
N GLU A 312 8.45 -2.32 -7.15
CA GLU A 312 8.83 -2.09 -5.76
C GLU A 312 9.31 -0.68 -5.53
N LEU A 313 8.63 0.01 -4.62
CA LEU A 313 8.86 1.44 -4.45
C LEU A 313 9.03 1.77 -2.96
N ALA A 314 10.16 2.37 -2.63
CA ALA A 314 10.43 2.87 -1.28
C ALA A 314 9.65 4.16 -1.08
N HIS A 315 9.17 4.36 0.14
CA HIS A 315 8.48 5.59 0.51
C HIS A 315 9.45 6.75 0.70
N LEU A 316 9.00 7.94 0.34
CA LEU A 316 9.81 9.15 0.49
C LEU A 316 9.73 9.71 1.89
N ALA A 317 8.56 9.60 2.49
CA ALA A 317 8.29 10.26 3.75
C ALA A 317 7.46 9.35 4.64
N ASN A 318 7.62 9.51 5.94
CA ASN A 318 6.82 8.80 6.93
C ASN A 318 5.64 9.66 7.38
N GLY A 319 4.68 9.01 8.03
CA GLY A 319 3.51 9.72 8.56
C GLY A 319 2.41 9.94 7.55
N THR A 320 2.46 9.21 6.44
CA THR A 320 1.39 9.32 5.44
C THR A 320 0.27 8.36 5.77
N LEU A 321 -0.91 8.69 5.28
CA LEU A 321 -2.09 7.86 5.42
C LEU A 321 -2.20 6.99 4.20
N ASN A 322 -2.21 5.67 4.38
CA ASN A 322 -2.79 4.82 3.35
C ASN A 322 -2.15 4.97 1.95
N PRO A 323 -0.91 4.50 1.80
CA PRO A 323 -0.27 4.62 0.48
C PRO A 323 -1.03 3.76 -0.53
N TYR A 324 -1.07 4.14 -1.80
CA TYR A 324 -1.66 3.27 -2.82
C TYR A 324 -1.01 3.40 -4.20
N CYS A 325 -0.91 2.29 -4.91
CA CYS A 325 -0.31 2.24 -6.25
C CYS A 325 -1.23 2.84 -7.28
N VAL A 326 -0.66 3.69 -8.13
CA VAL A 326 -1.37 4.25 -9.26
C VAL A 326 -0.53 4.14 -10.51
N LEU A 327 -1.20 4.20 -11.66
CA LEU A 327 -0.51 4.34 -12.93
C LEU A 327 -1.12 5.56 -13.62
N TRP A 328 -0.39 6.16 -14.55
CA TRP A 328 -0.93 7.26 -15.31
C TRP A 328 -1.93 6.76 -16.36
N ASP A 329 -3.12 7.32 -16.35
CA ASP A 329 -4.12 7.02 -17.37
C ASP A 329 -4.25 8.18 -18.36
N ASP A 330 -3.82 7.95 -19.60
CA ASP A 330 -3.77 8.99 -20.65
C ASP A 330 -5.11 9.45 -21.20
N SER A 331 -6.16 8.67 -20.95
CA SER A 331 -7.49 9.01 -21.47
C SER A 331 -8.08 10.24 -20.79
N GLU A 335 -9.12 16.59 -19.28
CA GLU A 335 -7.82 16.75 -19.92
C GLU A 335 -6.67 16.61 -18.92
N SER A 336 -5.90 17.69 -18.78
CA SER A 336 -4.67 17.69 -17.98
C SER A 336 -3.72 16.61 -18.49
N LEU A 337 -3.94 16.20 -19.74
CA LEU A 337 -3.18 15.11 -20.36
C LEU A 337 -3.36 13.77 -19.64
N GLY A 338 -4.40 13.67 -18.79
CA GLY A 338 -4.74 12.44 -18.11
C GLY A 338 -4.92 12.53 -16.60
N THR A 339 -4.86 11.38 -15.93
CA THR A 339 -4.95 11.34 -14.47
C THR A 339 -4.39 10.03 -13.87
N TRP A 340 -4.26 9.98 -12.55
CA TRP A 340 -3.75 8.80 -11.88
C TRP A 340 -4.91 7.87 -11.61
N SER A 341 -4.67 6.58 -11.73
CA SER A 341 -5.73 5.61 -11.53
C SER A 341 -5.17 4.40 -10.80
N THR A 342 -5.98 3.81 -9.93
CA THR A 342 -5.61 2.59 -9.21
C THR A 342 -6.14 1.38 -9.97
N GLN A 343 -6.88 1.65 -11.04
CA GLN A 343 -7.43 0.62 -11.91
C GLN A 343 -6.30 -0.13 -12.61
N GLY A 344 -6.17 -1.42 -12.32
CA GLY A 344 -5.14 -2.22 -12.96
C GLY A 344 -3.93 -2.41 -12.07
N CYS A 345 -4.00 -1.89 -10.85
CA CYS A 345 -2.91 -2.05 -9.89
C CYS A 345 -3.43 -2.61 -8.60
N LYS A 346 -2.76 -3.63 -8.08
CA LYS A 346 -3.01 -4.07 -6.72
C LYS A 346 -1.88 -3.56 -5.84
N THR A 347 -2.26 -2.99 -4.70
CA THR A 347 -1.32 -2.45 -3.73
C THR A 347 -0.96 -3.45 -2.62
N VAL A 348 0.33 -3.79 -2.51
CA VAL A 348 0.79 -4.70 -1.44
C VAL A 348 1.63 -3.94 -0.42
N LEU A 349 1.11 -3.80 0.80
CA LEU A 349 1.78 -3.00 1.82
C LEU A 349 2.88 -3.80 2.53
N THR A 350 3.99 -4.00 1.83
CA THR A 350 5.11 -4.79 2.31
C THR A 350 5.52 -4.42 3.74
N ASP A 351 5.81 -3.14 3.98
CA ASP A 351 6.03 -2.66 5.35
C ASP A 351 5.81 -1.15 5.39
N ALA A 352 6.14 -0.51 6.51
CA ALA A 352 5.85 0.91 6.71
C ALA A 352 6.60 1.80 5.73
N SER A 353 7.66 1.27 5.15
CA SER A 353 8.56 2.08 4.32
C SER A 353 8.62 1.64 2.85
N HIS A 354 7.90 0.59 2.48
CA HIS A 354 8.00 0.04 1.13
C HIS A 354 6.64 -0.48 0.71
N THR A 355 6.28 -0.25 -0.54
CA THR A 355 5.07 -0.81 -1.09
C THR A 355 5.41 -1.61 -2.36
N LYS A 356 4.69 -2.70 -2.59
CA LYS A 356 4.86 -3.41 -3.85
C LYS A 356 3.58 -3.25 -4.67
N CYS A 357 3.74 -2.82 -5.92
CA CYS A 357 2.59 -2.67 -6.82
C CYS A 357 2.59 -3.79 -7.86
N LEU A 358 1.41 -4.39 -8.06
CA LEU A 358 1.22 -5.41 -9.05
C LEU A 358 0.26 -4.86 -10.08
N CYS A 359 0.78 -4.51 -11.24
CA CYS A 359 0.02 -3.81 -12.26
C CYS A 359 0.05 -4.56 -13.59
N ASP A 360 -1.11 -4.76 -14.18
CA ASP A 360 -1.15 -5.44 -15.48
C ASP A 360 -1.38 -4.47 -16.63
N ARG A 361 -0.87 -3.25 -16.50
CA ARG A 361 -0.92 -2.28 -17.58
C ARG A 361 0.44 -1.61 -17.63
N LEU A 362 0.83 -1.14 -18.81
CA LEU A 362 2.10 -0.46 -18.98
C LEU A 362 1.90 1.01 -18.79
N SER A 363 2.80 1.67 -18.07
CA SER A 363 2.64 3.08 -17.89
C SER A 363 3.69 3.64 -16.97
N THR A 364 3.34 4.79 -16.41
CA THR A 364 4.08 5.48 -15.40
C THR A 364 3.45 5.05 -14.08
N PHE A 365 4.29 4.64 -13.15
CA PHE A 365 3.84 4.13 -11.84
C PHE A 365 4.35 4.97 -10.70
N ALA A 366 3.56 5.02 -9.63
CA ALA A 366 3.94 5.75 -8.44
C ALA A 366 3.10 5.31 -7.26
N ILE A 367 3.47 5.82 -6.10
CA ILE A 367 2.74 5.64 -4.86
C ILE A 367 2.19 7.01 -4.51
N LEU A 368 0.87 7.14 -4.37
CA LEU A 368 0.29 8.32 -3.74
C LEU A 368 -0.07 8.04 -2.29
N ALA A 369 -0.26 9.09 -1.50
CA ALA A 369 -0.69 8.95 -0.12
C ALA A 369 -1.27 10.29 0.36
N GLN A 370 -2.22 10.22 1.28
CA GLN A 370 -2.77 11.42 1.92
C GLN A 370 -1.82 11.85 3.03
N GLN A 371 -1.57 13.16 3.13
CA GLN A 371 -0.73 13.66 4.21
C GLN A 371 -1.49 14.00 5.50
N PRO A 372 -2.76 14.43 5.39
CA PRO A 372 -3.51 15.01 6.52
C PRO A 372 -2.87 14.80 7.88
N ARG B 7 -22.85 -29.94 57.22
CA ARG B 7 -22.43 -30.92 58.21
C ARG B 7 -22.02 -32.23 57.53
N CYS B 8 -20.81 -32.69 57.81
CA CYS B 8 -20.29 -33.89 57.15
C CYS B 8 -20.90 -35.18 57.70
N SER B 9 -21.72 -35.06 58.73
CA SER B 9 -22.44 -36.19 59.29
C SER B 9 -23.82 -36.39 58.67
N GLU B 10 -24.28 -35.41 57.89
CA GLU B 10 -25.57 -35.53 57.20
C GLU B 10 -25.48 -35.30 55.67
N GLN B 11 -24.31 -34.88 55.19
CA GLN B 11 -24.14 -34.69 53.76
C GLN B 11 -22.85 -35.32 53.30
N ARG B 12 -22.76 -35.64 52.01
CA ARG B 12 -21.50 -36.05 51.42
C ARG B 12 -20.41 -34.99 51.57
N CYS B 13 -19.21 -35.42 51.94
CA CYS B 13 -18.03 -34.57 51.98
C CYS B 13 -16.90 -35.30 51.26
N PRO B 14 -15.89 -34.57 50.80
CA PRO B 14 -14.80 -35.25 50.08
C PRO B 14 -14.06 -36.26 50.96
N ALA B 15 -13.83 -37.45 50.41
CA ALA B 15 -12.97 -38.45 51.05
C ALA B 15 -11.53 -37.96 50.97
N PRO B 16 -10.64 -38.53 51.79
CA PRO B 16 -9.23 -38.07 51.74
C PRO B 16 -8.57 -38.10 50.36
N TYR B 17 -8.85 -39.08 49.53
CA TYR B 17 -8.20 -39.13 48.22
C TYR B 17 -8.92 -38.21 47.21
N GLU B 18 -9.89 -37.42 47.69
CA GLU B 18 -10.61 -36.45 46.85
C GLU B 18 -10.18 -35.03 47.16
N ILE B 19 -9.11 -34.93 47.95
CA ILE B 19 -8.59 -33.64 48.35
C ILE B 19 -7.12 -33.58 47.93
N CYS B 20 -6.71 -32.48 47.31
CA CYS B 20 -5.29 -32.22 47.04
C CYS B 20 -4.59 -31.67 48.30
N PRO B 21 -3.48 -32.30 48.67
CA PRO B 21 -2.73 -31.91 49.86
C PRO B 21 -1.99 -30.60 49.59
N GLU B 22 -1.67 -29.90 50.67
CA GLU B 22 -0.86 -28.72 50.58
C GLU B 22 0.40 -29.02 49.77
N ASP B 23 0.81 -28.07 48.93
CA ASP B 23 1.87 -28.32 47.98
C ASP B 23 2.74 -27.07 47.81
N TYR B 24 3.97 -27.23 47.32
CA TYR B 24 4.93 -26.10 47.30
C TYR B 24 5.49 -25.74 45.91
N LEU B 25 4.79 -26.18 44.86
CA LEU B 25 5.13 -25.76 43.49
C LEU B 25 5.45 -24.27 43.35
N MET B 26 6.58 -23.95 42.70
CA MET B 26 7.03 -22.57 42.47
C MET B 26 7.43 -21.88 43.76
N SER B 27 7.74 -22.67 44.79
CA SER B 27 8.10 -22.08 46.07
C SER B 27 6.98 -21.20 46.58
N MET B 28 5.75 -21.63 46.39
CA MET B 28 4.63 -20.96 47.01
C MET B 28 3.78 -22.00 47.68
N VAL B 29 3.02 -21.59 48.69
CA VAL B 29 2.13 -22.53 49.35
C VAL B 29 0.81 -22.60 48.64
N TRP B 30 0.46 -23.78 48.15
CA TRP B 30 -0.88 -24.03 47.63
C TRP B 30 -1.60 -24.81 48.72
N LYS B 31 -2.61 -24.19 49.30
CA LYS B 31 -3.30 -24.76 50.44
C LYS B 31 -4.03 -26.02 50.04
N ARG B 32 -4.17 -26.90 51.03
CA ARG B 32 -5.00 -28.08 50.93
C ARG B 32 -6.35 -27.72 50.35
N THR B 33 -6.79 -28.46 49.33
CA THR B 33 -7.95 -28.03 48.56
C THR B 33 -8.68 -29.23 48.01
N PRO B 34 -10.00 -29.28 48.23
CA PRO B 34 -10.80 -30.39 47.72
C PRO B 34 -10.97 -30.32 46.19
N ALA B 35 -11.17 -31.47 45.55
CA ALA B 35 -11.45 -31.56 44.13
C ALA B 35 -12.61 -30.65 43.74
N GLY B 36 -12.44 -29.88 42.67
CA GLY B 36 -13.47 -28.98 42.21
C GLY B 36 -13.22 -27.54 42.62
N ASP B 37 -12.31 -27.31 43.56
CA ASP B 37 -12.01 -25.95 44.04
C ASP B 37 -10.65 -25.44 43.57
N LEU B 38 -10.38 -24.18 43.88
CA LEU B 38 -9.18 -23.47 43.47
C LEU B 38 -8.38 -23.02 44.68
N ALA B 39 -7.06 -23.00 44.54
CA ALA B 39 -6.20 -22.32 45.46
C ALA B 39 -5.58 -21.14 44.73
N PHE B 40 -5.21 -20.11 45.47
CA PHE B 40 -4.77 -18.85 44.88
C PHE B 40 -3.41 -18.42 45.41
N ASN B 41 -2.66 -17.68 44.60
CA ASN B 41 -1.41 -17.05 45.04
C ASN B 41 -1.17 -15.75 44.26
N GLN B 42 -0.14 -15.01 44.65
CA GLN B 42 0.32 -13.86 43.87
C GLN B 42 0.86 -14.41 42.55
N CYS B 43 1.05 -13.52 41.58
CA CYS B 43 1.78 -13.86 40.35
C CYS B 43 3.26 -13.79 40.66
N PRO B 44 4.11 -14.37 39.78
CA PRO B 44 5.55 -14.23 40.01
C PRO B 44 5.98 -12.76 40.09
N LEU B 45 7.17 -12.49 40.62
CA LEU B 45 7.66 -11.12 40.83
C LEU B 45 7.60 -10.19 39.59
N ASN B 46 7.99 -10.69 38.42
CA ASN B 46 7.96 -9.85 37.21
C ASN B 46 6.54 -9.59 36.68
N ALA B 47 5.53 -9.81 37.52
CA ALA B 47 4.15 -9.68 37.07
C ALA B 47 3.23 -9.20 38.18
N THR B 48 1.97 -8.98 37.83
CA THR B 48 1.00 -8.53 38.82
C THR B 48 -0.36 -9.18 38.55
N GLY B 49 -1.10 -9.50 39.59
CA GLY B 49 -2.39 -10.16 39.44
C GLY B 49 -2.44 -11.38 40.36
N THR B 50 -3.25 -12.37 40.03
CA THR B 50 -3.25 -13.58 40.83
C THR B 50 -3.06 -14.82 39.98
N THR B 51 -2.37 -15.81 40.52
CA THR B 51 -2.37 -17.15 39.94
C THR B 51 -3.41 -18.01 40.65
N SER B 52 -4.03 -18.93 39.93
CA SER B 52 -4.94 -19.88 40.56
C SER B 52 -4.49 -21.28 40.18
N ARG B 53 -4.96 -22.28 40.90
CA ARG B 53 -4.58 -23.67 40.65
C ARG B 53 -5.71 -24.57 41.06
N ARG B 54 -6.18 -25.41 40.14
CA ARG B 54 -7.38 -26.16 40.35
C ARG B 54 -7.01 -27.51 40.87
N CYS B 55 -7.76 -27.99 41.87
CA CYS B 55 -7.71 -29.41 42.24
C CYS B 55 -8.82 -30.19 41.52
N SER B 56 -8.46 -31.25 40.81
CA SER B 56 -9.42 -32.03 40.03
C SER B 56 -9.38 -33.52 40.34
N LEU B 57 -10.51 -34.18 40.12
CA LEU B 57 -10.61 -35.62 40.13
C LEU B 57 -10.08 -36.17 38.83
N SER B 58 -9.17 -37.13 38.90
CA SER B 58 -8.74 -37.86 37.72
C SER B 58 -9.92 -38.70 37.20
N LEU B 59 -9.72 -39.33 36.05
CA LEU B 59 -10.67 -40.28 35.49
C LEU B 59 -11.05 -41.36 36.50
N HIS B 60 -10.14 -41.66 37.42
CA HIS B 60 -10.41 -42.70 38.38
C HIS B 60 -10.80 -42.21 39.75
N GLY B 61 -11.24 -40.96 39.86
CA GLY B 61 -11.87 -40.50 41.09
C GLY B 61 -10.92 -40.02 42.16
N VAL B 62 -9.67 -39.76 41.77
CA VAL B 62 -8.62 -39.38 42.70
C VAL B 62 -8.13 -37.95 42.42
N ALA B 63 -8.02 -37.17 43.49
CA ALA B 63 -7.64 -35.78 43.37
C ALA B 63 -6.21 -35.64 42.88
N PHE B 64 -5.98 -34.63 42.02
CA PHE B 64 -4.63 -34.26 41.62
C PHE B 64 -4.61 -32.75 41.36
N TRP B 65 -3.47 -32.11 41.58
CA TRP B 65 -3.32 -30.69 41.27
C TRP B 65 -3.11 -30.47 39.76
N GLU B 66 -3.88 -29.58 39.15
CA GLU B 66 -3.57 -29.09 37.80
C GLU B 66 -2.44 -28.08 37.86
N GLN B 67 -1.84 -27.78 36.72
CA GLN B 67 -0.85 -26.71 36.65
C GLN B 67 -1.48 -25.36 36.95
N PRO B 68 -0.68 -24.45 37.49
CA PRO B 68 -1.25 -23.13 37.81
C PRO B 68 -1.68 -22.44 36.54
N SER B 69 -2.70 -21.61 36.64
CA SER B 69 -3.19 -20.80 35.56
C SER B 69 -2.66 -19.37 35.71
N PHE B 70 -2.18 -18.83 34.60
CA PHE B 70 -1.60 -17.50 34.59
C PHE B 70 -2.50 -16.53 33.85
N ALA B 71 -3.78 -16.87 33.76
CA ALA B 71 -4.71 -16.04 32.97
C ALA B 71 -4.90 -14.64 33.54
N ARG B 72 -4.64 -14.47 34.84
CA ARG B 72 -4.83 -13.21 35.52
C ARG B 72 -3.48 -12.63 35.94
N CYS B 73 -2.39 -13.10 35.34
CA CYS B 73 -1.09 -12.48 35.57
C CYS B 73 -0.74 -11.61 34.38
N ILE B 74 -0.36 -10.37 34.67
CA ILE B 74 -0.07 -9.40 33.62
C ILE B 74 1.28 -8.79 33.91
N SER B 75 2.24 -8.96 32.99
CA SER B 75 3.56 -8.36 33.18
C SER B 75 3.43 -6.88 33.51
N ASN B 76 4.35 -6.40 34.34
CA ASN B 76 4.36 -4.99 34.71
C ASN B 76 4.39 -4.01 33.51
N GLU B 77 5.15 -4.33 32.47
CA GLU B 77 5.22 -3.44 31.31
C GLU B 77 3.85 -3.30 30.64
N TYR B 78 3.13 -4.42 30.52
CA TYR B 78 1.79 -4.36 29.95
C TYR B 78 0.84 -3.58 30.83
N ARG B 79 0.92 -3.80 32.14
CA ARG B 79 0.10 -3.04 33.07
C ARG B 79 0.37 -1.53 32.95
N HIS B 80 1.64 -1.12 33.09
CA HIS B 80 2.06 0.26 32.87
C HIS B 80 1.42 0.86 31.61
N LEU B 81 1.42 0.09 30.52
CA LEU B 81 0.90 0.58 29.25
C LEU B 81 -0.58 0.84 29.37
N GLN B 82 -1.29 -0.09 30.00
CA GLN B 82 -2.72 0.06 30.20
C GLN B 82 -3.03 1.32 30.99
N HIS B 83 -2.27 1.55 32.05
CA HIS B 83 -2.39 2.75 32.88
C HIS B 83 -2.35 4.02 32.03
N SER B 84 -1.60 3.98 30.95
CA SER B 84 -1.32 5.16 30.15
C SER B 84 -2.45 5.54 29.20
N ILE B 85 -3.17 4.55 28.71
CA ILE B 85 -4.35 4.82 27.88
C ILE B 85 -5.27 5.82 28.58
N LYS B 86 -5.73 5.44 29.77
CA LYS B 86 -6.66 6.27 30.54
C LYS B 86 -6.28 7.74 30.54
N GLU B 87 -4.98 8.01 30.55
CA GLU B 87 -4.45 9.36 30.66
C GLU B 87 -4.65 10.19 29.39
N HIS B 88 -4.44 9.59 28.23
CA HIS B 88 -4.65 10.30 26.97
C HIS B 88 -6.06 10.87 26.87
N LEU B 96 -5.76 14.44 19.19
CA LEU B 96 -4.69 14.24 20.16
C LEU B 96 -4.84 12.91 20.91
N ALA B 97 -6.05 12.37 20.91
CA ALA B 97 -6.31 11.07 21.48
C ALA B 97 -5.82 10.03 20.47
N GLY B 98 -6.08 10.30 19.19
CA GLY B 98 -5.64 9.45 18.09
C GLY B 98 -4.14 9.31 18.03
N ASP B 99 -3.42 10.42 18.18
CA ASP B 99 -1.97 10.36 18.27
C ASP B 99 -1.58 9.51 19.47
N GLY B 100 -2.16 9.83 20.63
CA GLY B 100 -1.98 9.05 21.84
C GLY B 100 -2.08 7.54 21.62
N MET B 101 -3.20 7.10 21.05
CA MET B 101 -3.41 5.69 20.77
C MET B 101 -2.44 5.12 19.72
N SER B 102 -1.90 5.99 18.87
CA SER B 102 -0.93 5.51 17.90
C SER B 102 0.40 5.20 18.58
N GLN B 103 0.73 6.02 19.56
CA GLN B 103 1.95 5.81 20.32
C GLN B 103 1.80 4.55 21.17
N VAL B 104 0.58 4.33 21.66
CA VAL B 104 0.29 3.15 22.48
C VAL B 104 0.46 1.90 21.63
N THR B 105 0.02 1.99 20.38
CA THR B 105 0.10 0.87 19.45
C THR B 105 1.57 0.50 19.19
N LYS B 106 2.41 1.52 19.07
CA LYS B 106 3.83 1.32 18.82
C LYS B 106 4.49 0.66 20.04
N THR B 107 4.17 1.17 21.23
CA THR B 107 4.69 0.58 22.46
C THR B 107 4.23 -0.87 22.63
N LEU B 108 2.99 -1.16 22.24
CA LEU B 108 2.51 -2.53 22.35
C LEU B 108 3.29 -3.41 21.40
N LEU B 109 3.61 -2.87 20.22
CA LEU B 109 4.38 -3.62 19.26
C LEU B 109 5.74 -4.06 19.84
N ASP B 110 6.48 -3.12 20.40
CA ASP B 110 7.74 -3.42 21.08
C ASP B 110 7.58 -4.51 22.15
N LEU B 111 6.57 -4.38 23.00
CA LEU B 111 6.33 -5.42 24.01
C LEU B 111 6.16 -6.80 23.36
N THR B 112 5.26 -6.92 22.38
CA THR B 112 4.95 -8.24 21.80
C THR B 112 6.15 -8.83 21.08
N GLN B 113 6.99 -7.97 20.53
CA GLN B 113 8.23 -8.42 19.89
C GLN B 113 9.12 -9.23 20.84
N ARG B 114 9.22 -8.81 22.11
CA ARG B 114 10.02 -9.53 23.11
C ARG B 114 9.44 -10.89 23.45
N LYS B 115 8.18 -11.11 23.07
CA LYS B 115 7.51 -12.36 23.44
C LYS B 115 7.58 -12.58 24.98
N ASN B 116 7.83 -13.80 25.44
CA ASN B 116 7.77 -14.06 26.88
C ASN B 116 6.45 -13.61 27.51
N PHE B 117 5.32 -13.98 26.91
CA PHE B 117 4.00 -13.58 27.41
C PHE B 117 3.59 -14.38 28.64
N TYR B 118 2.87 -13.74 29.56
CA TYR B 118 1.97 -14.48 30.42
C TYR B 118 0.65 -14.57 29.69
N ALA B 119 -0.12 -15.62 29.96
CA ALA B 119 -1.45 -15.75 29.40
C ALA B 119 -2.27 -14.46 29.53
N GLY B 120 -2.11 -13.75 30.64
CA GLY B 120 -2.90 -12.55 30.88
C GLY B 120 -2.48 -11.38 30.01
N ASP B 121 -1.21 -11.36 29.63
CA ASP B 121 -0.67 -10.40 28.68
C ASP B 121 -1.36 -10.49 27.32
N LEU B 122 -1.76 -11.69 26.94
CA LEU B 122 -2.45 -11.88 25.67
C LEU B 122 -3.83 -11.25 25.72
N LEU B 123 -4.52 -11.45 26.83
CA LEU B 123 -5.84 -10.85 27.04
C LEU B 123 -5.72 -9.34 27.12
N MET B 124 -4.66 -8.86 27.76
CA MET B 124 -4.47 -7.44 27.93
C MET B 124 -4.08 -6.79 26.59
N SER B 125 -3.33 -7.53 25.77
CA SER B 125 -2.98 -7.05 24.43
C SER B 125 -4.25 -6.87 23.59
N VAL B 126 -5.17 -7.81 23.69
CA VAL B 126 -6.42 -7.68 22.97
C VAL B 126 -7.23 -6.51 23.49
N GLU B 127 -7.29 -6.37 24.81
CA GLU B 127 -8.06 -5.29 25.41
C GLU B 127 -7.52 -3.93 24.95
N ILE B 128 -6.21 -3.79 24.94
CA ILE B 128 -5.58 -2.56 24.50
C ILE B 128 -5.92 -2.24 23.03
N LEU B 129 -5.82 -3.23 22.15
CA LEU B 129 -6.18 -3.02 20.75
C LEU B 129 -7.66 -2.66 20.59
N ARG B 130 -8.52 -3.28 21.40
CA ARG B 130 -9.94 -2.96 21.42
C ARG B 130 -10.13 -1.48 21.78
N ASN B 131 -9.42 -1.02 22.81
CA ASN B 131 -9.49 0.37 23.24
C ASN B 131 -9.01 1.32 22.16
N VAL B 132 -7.89 0.96 21.54
CA VAL B 132 -7.30 1.75 20.48
C VAL B 132 -8.28 1.89 19.32
N THR B 133 -8.83 0.76 18.88
CA THR B 133 -9.79 0.74 17.76
C THR B 133 -11.08 1.52 18.08
N ASP B 134 -11.60 1.36 19.29
CA ASP B 134 -12.77 2.11 19.70
C ASP B 134 -12.49 3.62 19.66
N THR B 135 -11.30 4.00 20.10
CA THR B 135 -10.92 5.41 20.15
C THR B 135 -10.76 6.01 18.77
N PHE B 136 -10.08 5.30 17.88
CA PHE B 136 -9.99 5.75 16.51
C PHE B 136 -11.40 5.96 15.99
N LYS B 137 -12.27 4.98 16.23
CA LYS B 137 -13.62 5.00 15.67
C LYS B 137 -14.46 6.18 16.18
N ARG B 138 -14.44 6.41 17.49
CA ARG B 138 -15.22 7.52 18.06
C ARG B 138 -14.63 8.86 17.65
N ALA B 139 -13.34 8.88 17.35
CA ALA B 139 -12.66 10.13 17.05
C ALA B 139 -12.50 10.38 15.56
N SER B 140 -13.15 9.57 14.73
CA SER B 140 -13.04 9.67 13.28
C SER B 140 -11.58 9.91 12.87
N TYR B 141 -10.69 9.09 13.42
CA TYR B 141 -9.26 9.26 13.22
C TYR B 141 -8.75 8.03 12.46
N ILE B 142 -8.07 8.28 11.35
CA ILE B 142 -7.53 7.21 10.52
C ILE B 142 -6.06 7.03 10.83
N PRO B 143 -5.67 5.82 11.23
CA PRO B 143 -4.28 5.53 11.59
C PRO B 143 -3.38 5.74 10.39
N ALA B 144 -2.21 6.31 10.64
CA ALA B 144 -1.22 6.46 9.60
C ALA B 144 -0.70 5.10 9.19
N SER B 145 -0.04 5.09 8.03
CA SER B 145 0.52 3.89 7.43
C SER B 145 1.29 3.00 8.45
N ASP B 146 2.15 3.61 9.24
CA ASP B 146 2.93 2.82 10.19
C ASP B 146 2.08 2.28 11.36
N GLY B 147 0.98 2.95 11.68
CA GLY B 147 0.07 2.46 12.72
C GLY B 147 -0.60 1.19 12.26
N VAL B 148 -0.98 1.17 10.99
CA VAL B 148 -1.59 0.02 10.33
C VAL B 148 -0.62 -1.17 10.33
N GLN B 149 0.61 -0.94 9.89
CA GLN B 149 1.68 -1.94 9.98
C GLN B 149 1.84 -2.45 11.43
N ASN B 150 1.91 -1.54 12.39
CA ASN B 150 2.09 -1.93 13.79
C ASN B 150 0.93 -2.79 14.27
N PHE B 151 -0.29 -2.39 13.95
CA PHE B 151 -1.45 -3.17 14.34
C PHE B 151 -1.36 -4.62 13.86
N PHE B 152 -1.02 -4.83 12.59
CA PHE B 152 -1.02 -6.18 12.03
C PHE B 152 0.14 -7.01 12.49
N GLN B 153 1.28 -6.38 12.70
CA GLN B 153 2.41 -7.07 13.28
C GLN B 153 2.08 -7.52 14.73
N ILE B 154 1.47 -6.65 15.53
CA ILE B 154 1.02 -7.03 16.88
C ILE B 154 0.13 -8.27 16.82
N VAL B 155 -0.88 -8.22 15.98
CA VAL B 155 -1.86 -9.26 15.89
C VAL B 155 -1.17 -10.56 15.50
N SER B 156 -0.22 -10.46 14.60
CA SER B 156 0.47 -11.63 14.10
C SER B 156 1.36 -12.23 15.20
N ASN B 157 2.01 -11.37 16.00
CA ASN B 157 2.78 -11.84 17.14
C ASN B 157 1.91 -12.58 18.16
N LEU B 158 0.68 -12.10 18.38
CA LEU B 158 -0.20 -12.73 19.35
C LEU B 158 -0.61 -14.11 18.88
N LEU B 159 -0.82 -14.25 17.56
CA LEU B 159 -1.28 -15.49 16.97
C LEU B 159 -0.18 -16.51 16.74
N ASP B 160 1.06 -16.12 17.01
CA ASP B 160 2.17 -17.06 16.93
C ASP B 160 1.78 -18.39 17.60
N GLU B 161 1.92 -19.49 16.86
CA GLU B 161 1.50 -20.80 17.35
C GLU B 161 2.13 -21.22 18.67
N GLU B 162 3.31 -20.67 18.98
CA GLU B 162 3.96 -20.92 20.26
C GLU B 162 3.10 -20.47 21.45
N ASN B 163 2.12 -19.60 21.20
CA ASN B 163 1.28 -19.05 22.25
C ASN B 163 0.04 -19.91 22.51
N LYS B 164 -0.08 -21.03 21.80
CA LYS B 164 -1.29 -21.83 21.86
C LYS B 164 -1.75 -22.19 23.29
N GLU B 165 -0.86 -22.75 24.09
CA GLU B 165 -1.23 -23.16 25.46
C GLU B 165 -1.57 -21.98 26.34
N LYS B 166 -0.86 -20.86 26.18
CA LYS B 166 -1.20 -19.65 26.91
C LYS B 166 -2.57 -19.12 26.49
N TRP B 167 -2.91 -19.25 25.21
CA TRP B 167 -4.24 -18.85 24.78
C TRP B 167 -5.30 -19.71 25.44
N GLU B 168 -5.03 -21.00 25.48
CA GLU B 168 -5.95 -21.95 26.09
C GLU B 168 -6.13 -21.65 27.59
N ASP B 169 -5.04 -21.28 28.25
CA ASP B 169 -5.11 -20.88 29.66
C ASP B 169 -5.93 -19.59 29.78
N ALA B 170 -5.56 -18.59 28.99
CA ALA B 170 -6.22 -17.28 29.04
C ALA B 170 -7.73 -17.43 28.86
N GLN B 171 -8.11 -18.34 27.95
CA GLN B 171 -9.50 -18.49 27.54
C GLN B 171 -10.36 -19.28 28.54
N GLN B 172 -9.78 -19.69 29.66
CA GLN B 172 -10.59 -20.20 30.76
C GLN B 172 -11.36 -19.06 31.40
N ILE B 173 -10.89 -17.83 31.25
CA ILE B 173 -11.63 -16.72 31.84
C ILE B 173 -12.28 -15.78 30.84
N TYR B 174 -11.78 -15.73 29.60
CA TYR B 174 -12.35 -14.79 28.64
C TYR B 174 -12.03 -15.16 27.20
N PRO B 175 -13.00 -15.00 26.30
CA PRO B 175 -12.84 -15.38 24.89
C PRO B 175 -11.94 -14.41 24.12
N GLY B 176 -10.66 -14.39 24.46
CA GLY B 176 -9.74 -13.46 23.86
C GLY B 176 -9.60 -13.58 22.35
N SER B 177 -9.51 -14.80 21.84
CA SER B 177 -9.27 -14.99 20.43
C SER B 177 -10.47 -14.53 19.60
N ILE B 178 -11.66 -14.67 20.16
CA ILE B 178 -12.88 -14.18 19.51
C ILE B 178 -12.94 -12.66 19.53
N GLU B 179 -12.62 -12.05 20.66
CA GLU B 179 -12.57 -10.60 20.73
C GLU B 179 -11.57 -10.04 19.70
N LEU B 180 -10.41 -10.69 19.58
CA LEU B 180 -9.38 -10.29 18.63
C LEU B 180 -9.87 -10.30 17.18
N MET B 181 -10.62 -11.33 16.79
CA MET B 181 -11.21 -11.36 15.45
C MET B 181 -12.02 -10.11 15.24
N GLN B 182 -12.84 -9.75 16.23
CA GLN B 182 -13.73 -8.61 16.12
C GLN B 182 -12.99 -7.29 16.06
N VAL B 183 -11.93 -7.16 16.87
CA VAL B 183 -11.12 -5.95 16.82
C VAL B 183 -10.53 -5.78 15.42
N ILE B 184 -9.98 -6.88 14.90
CA ILE B 184 -9.37 -6.87 13.58
C ILE B 184 -10.38 -6.42 12.53
N GLU B 185 -11.58 -7.00 12.57
CA GLU B 185 -12.67 -6.58 11.69
C GLU B 185 -12.91 -5.10 11.79
N ASP B 186 -13.07 -4.61 13.02
CA ASP B 186 -13.33 -3.20 13.23
C ASP B 186 -12.19 -2.33 12.71
N PHE B 187 -10.97 -2.82 12.87
CA PHE B 187 -9.81 -2.06 12.46
C PHE B 187 -9.77 -1.93 10.94
N ILE B 188 -10.07 -3.04 10.28
CA ILE B 188 -10.04 -3.09 8.82
C ILE B 188 -11.01 -2.04 8.25
N HIS B 189 -12.10 -1.80 8.97
CA HIS B 189 -13.12 -0.87 8.50
C HIS B 189 -12.79 0.59 8.81
N ILE B 190 -12.20 0.85 9.97
CA ILE B 190 -11.60 2.16 10.21
C ILE B 190 -10.64 2.53 9.05
N VAL B 191 -9.82 1.58 8.64
CA VAL B 191 -8.84 1.82 7.58
C VAL B 191 -9.50 2.12 6.24
N GLY B 192 -10.55 1.37 5.91
CA GLY B 192 -11.32 1.61 4.71
C GLY B 192 -11.85 3.03 4.63
N MET B 193 -12.22 3.60 5.77
CA MET B 193 -12.78 4.94 5.82
C MET B 193 -11.87 5.97 5.16
N GLY B 194 -10.57 5.77 5.32
CA GLY B 194 -9.58 6.67 4.75
C GLY B 194 -9.06 6.30 3.36
N MET B 195 -9.68 5.32 2.73
CA MET B 195 -9.27 4.93 1.36
C MET B 195 -10.09 5.63 0.29
N MET B 196 -9.52 5.73 -0.92
CA MET B 196 -10.20 6.25 -2.10
C MET B 196 -10.99 5.13 -2.76
N ASP B 197 -11.98 5.48 -3.57
CA ASP B 197 -12.75 4.47 -4.29
C ASP B 197 -11.81 3.69 -5.20
N PHE B 198 -12.00 2.37 -5.25
CA PHE B 198 -11.20 1.48 -6.09
C PHE B 198 -9.87 0.98 -5.51
N GLN B 199 -9.48 1.50 -4.34
CA GLN B 199 -8.28 1.02 -3.66
C GLN B 199 -8.37 -0.47 -3.31
N ASN B 200 -7.27 -1.20 -3.53
CA ASN B 200 -7.15 -2.59 -3.13
C ASN B 200 -5.83 -2.81 -2.40
N SER B 201 -5.88 -2.69 -1.08
CA SER B 201 -4.73 -2.92 -0.23
C SER B 201 -4.65 -4.37 0.27
N TYR B 202 -3.45 -4.94 0.21
CA TYR B 202 -3.17 -6.24 0.81
C TYR B 202 -2.13 -6.09 1.90
N LEU B 203 -2.36 -6.77 3.03
CA LEU B 203 -1.42 -6.84 4.15
C LEU B 203 -1.06 -8.30 4.41
N MET B 204 0.22 -8.61 4.52
CA MET B 204 0.61 -10.01 4.71
C MET B 204 1.64 -10.18 5.80
N THR B 205 1.43 -11.16 6.68
CA THR B 205 2.39 -11.46 7.73
C THR B 205 2.61 -12.97 7.78
N GLY B 206 3.36 -13.42 8.80
CA GLY B 206 3.58 -14.83 9.03
C GLY B 206 2.31 -15.62 9.34
N ASN B 207 1.24 -14.90 9.70
CA ASN B 207 0.06 -15.49 10.33
C ASN B 207 -1.23 -14.96 9.74
N VAL B 208 -1.16 -13.77 9.16
CA VAL B 208 -2.36 -13.13 8.67
C VAL B 208 -2.18 -12.54 7.27
N VAL B 209 -3.20 -12.75 6.43
CA VAL B 209 -3.30 -12.05 5.16
C VAL B 209 -4.62 -11.27 5.17
N ALA B 210 -4.55 -9.97 4.92
CA ALA B 210 -5.79 -9.20 4.84
C ALA B 210 -5.85 -8.42 3.53
N SER B 211 -7.04 -8.36 2.95
CA SER B 211 -7.29 -7.47 1.83
C SER B 211 -8.39 -6.48 2.20
N ILE B 212 -8.17 -5.22 1.86
CA ILE B 212 -9.18 -4.18 2.05
C ILE B 212 -9.43 -3.45 0.71
N GLN B 213 -10.67 -3.48 0.23
CA GLN B 213 -11.03 -2.81 -1.03
C GLN B 213 -12.21 -1.85 -0.85
N LYS B 214 -12.10 -0.68 -1.45
CA LYS B 214 -13.20 0.27 -1.44
C LYS B 214 -13.88 0.20 -2.79
N LEU B 215 -15.19 -0.04 -2.77
CA LEU B 215 -15.93 -0.33 -3.99
C LEU B 215 -17.20 0.49 -4.11
N PRO B 216 -17.30 1.29 -5.18
CA PRO B 216 -18.58 1.92 -5.52
C PRO B 216 -19.53 0.81 -5.95
N ALA B 217 -20.78 0.88 -5.51
CA ALA B 217 -21.75 -0.16 -5.85
C ALA B 217 -21.90 -0.31 -7.36
N ALA B 218 -22.11 -1.55 -7.80
CA ALA B 218 -22.36 -1.84 -9.20
C ALA B 218 -21.16 -1.52 -10.10
N SER B 219 -19.96 -1.63 -9.55
CA SER B 219 -18.74 -1.43 -10.31
C SER B 219 -17.97 -2.74 -10.43
N VAL B 220 -18.43 -3.76 -9.72
CA VAL B 220 -17.79 -5.07 -9.76
C VAL B 220 -18.25 -5.86 -10.97
N LEU B 221 -17.32 -6.12 -11.89
CA LEU B 221 -17.67 -6.76 -13.15
C LEU B 221 -17.33 -8.24 -13.10
N THR B 222 -16.41 -8.61 -12.22
CA THR B 222 -15.98 -9.99 -12.09
C THR B 222 -16.03 -10.44 -10.64
N ASP B 223 -16.21 -11.74 -10.43
CA ASP B 223 -16.17 -12.29 -9.09
C ASP B 223 -14.86 -11.88 -8.43
N ILE B 224 -14.94 -11.48 -7.18
CA ILE B 224 -13.75 -11.15 -6.42
C ILE B 224 -13.26 -12.41 -5.72
N ASN B 225 -12.04 -12.82 -6.06
CA ASN B 225 -11.40 -13.93 -5.39
C ASN B 225 -10.44 -13.42 -4.31
N PHE B 226 -10.44 -14.10 -3.17
CA PHE B 226 -9.49 -13.82 -2.10
C PHE B 226 -8.97 -15.14 -1.55
N PRO B 227 -7.66 -15.22 -1.29
CA PRO B 227 -6.66 -14.21 -1.64
C PRO B 227 -5.99 -14.54 -2.98
N MET B 228 -5.30 -13.59 -3.60
CA MET B 228 -4.51 -13.90 -4.79
C MET B 228 -3.46 -14.95 -4.47
N LYS B 229 -2.95 -15.65 -5.48
CA LYS B 229 -2.05 -16.77 -5.24
C LYS B 229 -0.69 -16.70 -5.93
N GLY B 230 -0.51 -15.73 -6.81
CA GLY B 230 0.77 -15.58 -7.47
C GLY B 230 1.93 -15.61 -6.50
N ARG B 231 3.04 -16.18 -6.96
CA ARG B 231 4.28 -16.19 -6.20
C ARG B 231 4.83 -14.78 -5.96
N LYS B 232 4.60 -13.88 -6.90
CA LYS B 232 5.15 -12.53 -6.80
C LYS B 232 4.42 -11.66 -5.78
N GLY B 233 3.21 -12.08 -5.38
CA GLY B 233 2.40 -11.22 -4.53
C GLY B 233 1.84 -11.85 -3.28
N MET B 234 2.08 -13.13 -3.07
CA MET B 234 1.45 -13.82 -1.97
C MET B 234 2.43 -14.62 -1.10
N VAL B 235 2.37 -14.37 0.20
CA VAL B 235 3.21 -15.08 1.14
C VAL B 235 2.99 -16.59 0.97
N ASP B 236 4.05 -17.37 1.19
CA ASP B 236 4.02 -18.81 0.90
C ASP B 236 2.88 -19.61 1.56
N TRP B 237 2.63 -19.41 2.86
CA TRP B 237 1.66 -20.26 3.56
C TRP B 237 0.26 -20.07 3.01
N ALA B 238 -0.02 -18.85 2.55
CA ALA B 238 -1.32 -18.53 1.96
C ALA B 238 -1.27 -18.92 0.51
N ARG B 239 -0.08 -18.89 -0.08
CA ARG B 239 0.14 -19.15 -1.50
C ARG B 239 -0.08 -20.62 -1.82
N ASN B 240 0.49 -21.48 -0.99
CA ASN B 240 0.19 -22.90 -1.04
C ASN B 240 -1.26 -23.06 -0.63
N SER B 241 -2.13 -22.46 -1.43
CA SER B 241 -3.51 -22.22 -1.05
C SER B 241 -4.45 -23.23 -1.61
N GLU B 242 -4.86 -24.16 -0.76
CA GLU B 242 -6.03 -24.97 -1.03
C GLU B 242 -7.12 -24.31 -0.20
N ASP B 243 -6.92 -23.01 0.04
CA ASP B 243 -7.88 -22.18 0.77
C ASP B 243 -8.17 -20.92 -0.02
N ARG B 244 -9.44 -20.55 -0.11
CA ARG B 244 -9.85 -19.45 -0.96
C ARG B 244 -11.35 -19.18 -0.84
N VAL B 245 -11.77 -17.98 -1.22
CA VAL B 245 -13.20 -17.67 -1.30
C VAL B 245 -13.51 -16.88 -2.56
N VAL B 246 -14.48 -17.36 -3.32
CA VAL B 246 -15.00 -16.61 -4.45
C VAL B 246 -16.21 -15.81 -3.99
N ILE B 247 -16.13 -14.49 -4.09
CA ILE B 247 -17.19 -13.62 -3.65
C ILE B 247 -18.00 -13.14 -4.84
N PRO B 248 -19.33 -13.36 -4.81
CA PRO B 248 -20.19 -13.01 -5.95
C PRO B 248 -20.23 -11.51 -6.21
N LYS B 249 -20.22 -11.14 -7.49
CA LYS B 249 -20.32 -9.74 -7.91
C LYS B 249 -21.64 -9.15 -7.45
N SER B 250 -22.64 -10.03 -7.33
CA SER B 250 -24.04 -9.64 -7.14
C SER B 250 -24.35 -8.97 -5.80
N ILE B 251 -23.35 -8.90 -4.93
CA ILE B 251 -23.56 -8.37 -3.58
C ILE B 251 -23.73 -6.86 -3.54
N PHE B 252 -22.91 -6.15 -4.32
CA PHE B 252 -22.85 -4.69 -4.23
C PHE B 252 -23.96 -3.94 -4.97
N THR B 253 -25.18 -4.04 -4.44
CA THR B 253 -26.30 -3.25 -4.94
C THR B 253 -27.19 -2.87 -3.77
N SER B 264 -23.75 4.08 -1.74
CA SER B 264 -23.10 3.72 -2.98
C SER B 264 -21.65 3.26 -2.78
N VAL B 265 -21.02 3.71 -1.71
CA VAL B 265 -19.64 3.35 -1.44
C VAL B 265 -19.52 2.29 -0.34
N PHE B 266 -18.89 1.18 -0.68
CA PHE B 266 -18.77 0.08 0.26
C PHE B 266 -17.32 -0.22 0.60
N VAL B 267 -17.10 -0.83 1.76
CA VAL B 267 -15.79 -1.31 2.16
C VAL B 267 -15.85 -2.83 2.32
N LEU B 268 -14.98 -3.51 1.59
CA LEU B 268 -14.85 -4.95 1.69
C LEU B 268 -13.54 -5.28 2.34
N GLY B 269 -13.59 -6.04 3.43
CA GLY B 269 -12.40 -6.53 4.09
C GLY B 269 -12.48 -8.05 4.06
N ALA B 270 -11.35 -8.70 3.83
CA ALA B 270 -11.30 -10.15 3.85
C ALA B 270 -10.02 -10.61 4.53
N VAL B 271 -10.08 -11.73 5.26
CA VAL B 271 -8.91 -12.20 6.01
C VAL B 271 -8.72 -13.71 5.90
N LEU B 272 -7.46 -14.12 5.82
CA LEU B 272 -7.11 -15.53 5.97
C LEU B 272 -6.13 -15.67 7.12
N TYR B 273 -6.48 -16.47 8.10
CA TYR B 273 -5.63 -16.64 9.27
C TYR B 273 -4.87 -17.94 9.10
N LYS B 274 -3.59 -17.95 9.46
CA LYS B 274 -2.78 -19.14 9.27
C LYS B 274 -3.02 -20.20 10.34
N ASN B 275 -3.26 -19.77 11.57
CA ASN B 275 -3.30 -20.72 12.68
C ASN B 275 -4.25 -20.29 13.81
N LEU B 276 -5.19 -19.40 13.49
CA LEU B 276 -6.23 -18.98 14.41
C LEU B 276 -7.10 -20.18 14.79
N ASP B 277 -7.02 -21.23 13.99
CA ASP B 277 -7.77 -22.45 14.25
C ASP B 277 -7.21 -23.18 15.46
N LEU B 278 -5.96 -22.90 15.79
CA LEU B 278 -5.30 -23.53 16.93
C LEU B 278 -5.92 -23.13 18.27
N ILE B 279 -6.56 -21.97 18.31
CA ILE B 279 -6.99 -21.40 19.59
C ILE B 279 -8.48 -21.06 19.68
N LEU B 280 -9.17 -20.93 18.56
CA LEU B 280 -10.61 -20.69 18.63
C LEU B 280 -11.34 -21.89 19.25
N PRO B 281 -12.31 -21.63 20.13
CA PRO B 281 -13.07 -22.71 20.78
C PRO B 281 -13.96 -23.43 19.77
N THR B 282 -14.23 -24.72 20.00
CA THR B 282 -15.15 -25.44 19.12
C THR B 282 -16.57 -25.44 19.70
N LEU B 283 -16.65 -25.30 21.02
CA LEU B 283 -17.94 -25.22 21.70
C LEU B 283 -18.73 -26.52 21.61
N ARG B 284 -18.08 -27.60 21.16
CA ARG B 284 -18.72 -28.88 20.94
C ARG B 284 -17.82 -30.01 21.40
N ASN B 285 -18.38 -31.01 22.08
CA ASN B 285 -17.61 -32.15 22.52
C ASN B 285 -17.03 -32.94 21.34
N TYR B 286 -15.83 -33.49 21.53
CA TYR B 286 -15.21 -34.36 20.53
C TYR B 286 -15.03 -33.68 19.15
N THR B 287 -15.11 -32.36 19.13
CA THR B 287 -15.10 -31.63 17.88
C THR B 287 -13.88 -30.73 17.69
N VAL B 288 -13.33 -30.73 16.49
CA VAL B 288 -12.17 -29.93 16.20
C VAL B 288 -12.36 -29.13 14.92
N ILE B 289 -11.89 -27.89 14.91
CA ILE B 289 -11.86 -27.09 13.71
C ILE B 289 -10.84 -27.72 12.79
N ASN B 290 -11.26 -28.03 11.57
CA ASN B 290 -10.42 -28.81 10.67
C ASN B 290 -10.06 -28.05 9.39
N SER B 291 -9.93 -26.73 9.51
CA SER B 291 -9.56 -25.87 8.40
C SER B 291 -8.97 -24.60 8.96
N LYS B 292 -8.41 -23.78 8.09
CA LYS B 292 -8.05 -22.43 8.48
C LYS B 292 -9.34 -21.64 8.66
N ILE B 293 -9.26 -20.47 9.27
CA ILE B 293 -10.39 -19.55 9.39
C ILE B 293 -10.30 -18.49 8.29
N ILE B 294 -11.42 -18.21 7.63
CA ILE B 294 -11.44 -17.15 6.64
C ILE B 294 -12.63 -16.22 6.87
N VAL B 295 -12.42 -14.94 6.60
CA VAL B 295 -13.39 -13.91 6.95
C VAL B 295 -13.73 -13.04 5.76
N VAL B 296 -15.01 -12.69 5.62
CA VAL B 296 -15.44 -11.74 4.62
C VAL B 296 -16.43 -10.76 5.24
N THR B 297 -16.09 -9.47 5.26
CA THR B 297 -17.03 -8.47 5.78
C THR B 297 -17.16 -7.27 4.86
N ILE B 298 -18.42 -6.88 4.58
CA ILE B 298 -18.70 -5.67 3.82
C ILE B 298 -19.52 -4.70 4.65
N ARG B 299 -19.11 -3.45 4.69
CA ARG B 299 -19.89 -2.41 5.35
C ARG B 299 -20.08 -1.21 4.43
N PRO B 300 -21.34 -0.78 4.26
CA PRO B 300 -22.54 -1.32 4.90
C PRO B 300 -22.97 -2.69 4.34
N GLU B 301 -23.92 -3.33 4.99
CA GLU B 301 -24.35 -4.67 4.61
C GLU B 301 -25.21 -4.71 3.35
N PRO B 302 -25.14 -5.84 2.62
CA PRO B 302 -25.91 -6.13 1.41
C PRO B 302 -27.26 -6.77 1.73
N SER B 307 -28.00 -15.29 -3.30
CA SER B 307 -26.59 -14.90 -3.28
C SER B 307 -25.76 -15.74 -2.31
N PHE B 308 -24.74 -16.41 -2.83
CA PHE B 308 -23.95 -17.34 -2.01
C PHE B 308 -22.45 -17.25 -2.24
N LEU B 309 -21.70 -17.04 -1.15
CA LEU B 309 -20.25 -17.12 -1.18
C LEU B 309 -19.83 -18.56 -1.39
N GLU B 310 -18.64 -18.76 -1.95
CA GLU B 310 -18.14 -20.12 -2.19
C GLU B 310 -16.79 -20.33 -1.54
N ILE B 311 -16.78 -20.79 -0.31
CA ILE B 311 -15.54 -21.03 0.40
C ILE B 311 -14.94 -22.36 -0.01
N GLU B 312 -13.62 -22.43 -0.04
CA GLU B 312 -12.91 -23.68 -0.29
C GLU B 312 -11.81 -23.84 0.74
N LEU B 313 -11.89 -24.88 1.57
CA LEU B 313 -10.94 -25.05 2.65
C LEU B 313 -10.25 -26.41 2.66
N ALA B 314 -8.92 -26.40 2.57
CA ALA B 314 -8.15 -27.60 2.76
C ALA B 314 -8.44 -28.11 4.16
N HIS B 315 -8.37 -29.42 4.34
CA HIS B 315 -8.53 -30.00 5.67
C HIS B 315 -7.18 -30.08 6.35
N LEU B 316 -7.13 -29.64 7.61
CA LEU B 316 -5.87 -29.67 8.33
C LEU B 316 -5.58 -31.11 8.77
N ALA B 317 -6.56 -31.74 9.40
CA ALA B 317 -6.43 -33.15 9.77
C ALA B 317 -7.14 -34.03 8.74
N ASN B 318 -7.18 -35.33 8.99
CA ASN B 318 -7.78 -36.25 8.01
C ASN B 318 -8.89 -37.13 8.57
N GLY B 319 -8.72 -37.64 9.79
CA GLY B 319 -9.65 -38.60 10.36
C GLY B 319 -10.87 -37.97 11.01
N THR B 320 -11.65 -37.25 10.22
CA THR B 320 -12.80 -36.52 10.73
C THR B 320 -14.00 -36.71 9.80
N LEU B 321 -15.19 -36.84 10.37
CA LEU B 321 -16.38 -37.08 9.56
C LEU B 321 -17.42 -35.99 9.64
N ASN B 322 -18.35 -35.99 8.69
CA ASN B 322 -19.39 -34.99 8.61
C ASN B 322 -18.84 -33.58 8.76
N PRO B 323 -17.69 -33.29 8.10
CA PRO B 323 -17.21 -31.93 8.25
C PRO B 323 -18.22 -30.99 7.65
N TYR B 324 -18.73 -30.06 8.44
CA TYR B 324 -19.73 -29.13 7.94
C TYR B 324 -19.27 -27.69 8.07
N CYS B 325 -19.84 -26.84 7.23
CA CYS B 325 -19.46 -25.44 7.15
C CYS B 325 -20.22 -24.61 8.18
N VAL B 326 -19.51 -23.72 8.87
CA VAL B 326 -20.17 -22.86 9.83
C VAL B 326 -19.78 -21.39 9.67
N LEU B 327 -20.68 -20.51 10.08
CA LEU B 327 -20.37 -19.08 10.21
C LEU B 327 -20.52 -18.65 11.68
N TRP B 328 -20.09 -17.44 12.00
CA TRP B 328 -20.17 -16.95 13.37
C TRP B 328 -21.38 -16.05 13.56
N ASP B 329 -22.03 -16.13 14.71
CA ASP B 329 -23.21 -15.31 14.97
C ASP B 329 -23.16 -14.57 16.29
N ASP B 330 -23.37 -13.26 16.25
CA ASP B 330 -23.40 -12.44 17.45
C ASP B 330 -24.84 -12.13 17.87
N LEU B 337 -19.33 -14.80 23.44
CA LEU B 337 -19.40 -13.73 22.45
C LEU B 337 -20.01 -14.19 21.12
N GLY B 338 -20.87 -15.20 21.21
CA GLY B 338 -21.49 -15.78 20.02
C GLY B 338 -21.15 -17.25 19.90
N THR B 339 -21.61 -17.88 18.83
CA THR B 339 -21.30 -19.29 18.59
C THR B 339 -21.22 -19.57 17.11
N TRP B 340 -20.80 -20.78 16.76
CA TRP B 340 -20.84 -21.24 15.39
C TRP B 340 -22.28 -21.58 15.01
N SER B 341 -22.65 -21.27 13.78
CA SER B 341 -23.99 -21.52 13.27
C SER B 341 -23.96 -21.90 11.80
N THR B 342 -24.89 -22.76 11.38
CA THR B 342 -24.96 -23.17 10.00
C THR B 342 -26.09 -22.45 9.28
N GLN B 343 -26.85 -21.67 10.04
CA GLN B 343 -28.08 -21.04 9.56
C GLN B 343 -27.95 -20.39 8.18
N GLY B 344 -26.81 -19.77 7.92
CA GLY B 344 -26.61 -19.07 6.66
C GLY B 344 -25.85 -19.83 5.58
N CYS B 345 -25.43 -21.06 5.86
CA CYS B 345 -24.55 -21.78 4.95
C CYS B 345 -24.87 -23.26 4.71
N LYS B 346 -24.35 -23.79 3.60
CA LYS B 346 -24.59 -25.18 3.19
C LYS B 346 -23.31 -25.88 2.71
N THR B 347 -23.09 -27.08 3.23
CA THR B 347 -21.83 -27.81 3.06
C THR B 347 -21.74 -28.59 1.75
N VAL B 348 -20.52 -28.82 1.28
CA VAL B 348 -20.25 -29.70 0.13
C VAL B 348 -18.97 -30.51 0.35
N LEU B 349 -19.11 -31.82 0.48
CA LEU B 349 -17.97 -32.70 0.73
C LEU B 349 -17.23 -33.05 -0.57
N THR B 350 -16.45 -32.11 -1.08
CA THR B 350 -15.65 -32.34 -2.27
C THR B 350 -14.65 -33.47 -2.07
N ASP B 351 -14.28 -33.73 -0.83
CA ASP B 351 -13.17 -34.63 -0.55
C ASP B 351 -12.98 -34.80 0.95
N ALA B 352 -12.21 -35.82 1.33
CA ALA B 352 -11.84 -36.01 2.72
C ALA B 352 -10.68 -35.09 3.06
N SER B 353 -10.13 -34.43 2.04
CA SER B 353 -9.02 -33.49 2.23
C SER B 353 -9.38 -32.07 1.80
N HIS B 354 -10.61 -31.88 1.33
CA HIS B 354 -11.10 -30.56 0.94
C HIS B 354 -12.62 -30.47 1.10
N THR B 355 -13.09 -29.30 1.54
CA THR B 355 -14.52 -29.06 1.65
C THR B 355 -14.88 -27.75 0.95
N LYS B 356 -16.15 -27.59 0.59
CA LYS B 356 -16.65 -26.37 -0.02
C LYS B 356 -17.89 -25.90 0.73
N CYS B 357 -18.13 -24.59 0.75
CA CYS B 357 -19.25 -24.05 1.50
C CYS B 357 -19.97 -22.93 0.75
N LEU B 358 -21.29 -23.01 0.73
CA LEU B 358 -22.12 -21.99 0.10
C LEU B 358 -22.82 -21.22 1.21
N CYS B 359 -22.68 -19.90 1.20
CA CYS B 359 -23.15 -19.12 2.34
C CYS B 359 -23.90 -17.84 1.94
N ASP B 360 -24.79 -17.38 2.81
CA ASP B 360 -25.70 -16.29 2.49
C ASP B 360 -25.36 -15.00 3.23
N ARG B 361 -24.82 -15.14 4.43
CA ARG B 361 -24.48 -13.97 5.24
C ARG B 361 -22.99 -13.66 5.17
N LEU B 362 -22.63 -12.45 5.55
CA LEU B 362 -21.23 -12.06 5.65
C LEU B 362 -20.73 -12.21 7.09
N SER B 363 -19.77 -13.10 7.28
CA SER B 363 -19.16 -13.29 8.59
C SER B 363 -17.81 -13.98 8.50
N THR B 364 -17.58 -14.87 9.46
CA THR B 364 -16.34 -15.61 9.62
C THR B 364 -16.66 -17.08 9.44
N PHE B 365 -15.85 -17.79 8.65
CA PHE B 365 -16.20 -19.15 8.25
C PHE B 365 -15.16 -20.23 8.61
N ALA B 366 -15.64 -21.45 8.84
CA ALA B 366 -14.75 -22.55 9.17
C ALA B 366 -15.36 -23.91 8.86
N ILE B 367 -14.52 -24.94 8.85
CA ILE B 367 -15.01 -26.30 8.79
C ILE B 367 -14.89 -26.96 10.15
N LEU B 368 -16.02 -27.46 10.66
CA LEU B 368 -16.05 -28.20 11.90
C LEU B 368 -16.04 -29.70 11.59
N ALA B 369 -15.22 -30.44 12.33
CA ALA B 369 -15.13 -31.89 12.12
C ALA B 369 -15.08 -32.67 13.44
N GLN B 370 -15.17 -33.99 13.34
CA GLN B 370 -15.07 -34.88 14.50
C GLN B 370 -14.37 -36.18 14.13
C1 NAG C . 20.24 41.74 -21.03
C2 NAG C . 21.21 41.93 -19.86
C3 NAG C . 22.57 42.46 -20.30
C4 NAG C . 23.07 41.87 -21.62
C5 NAG C . 21.95 41.84 -22.65
C6 NAG C . 22.42 41.19 -23.96
C7 NAG C . 20.27 42.46 -17.69
C8 NAG C . 19.29 43.33 -16.96
N2 NAG C . 20.59 42.85 -18.93
O3 NAG C . 23.49 42.21 -19.25
O4 NAG C . 24.12 42.68 -22.12
O5 NAG C . 20.87 41.11 -22.13
O6 NAG C . 21.44 41.25 -24.96
O7 NAG C . 20.73 41.46 -17.17
C1 FUL C . 23.50 43.38 -18.38
C2 FUL C . 24.70 44.24 -18.75
O2 FUL C . 24.56 44.71 -20.08
C3 FUL C . 24.86 45.44 -17.83
O3 FUL C . 26.14 46.00 -18.03
C4 FUL C . 24.70 45.03 -16.37
O4 FUL C . 25.84 44.27 -15.99
C5 FUL C . 23.43 44.20 -16.19
C6 FUL C . 23.24 43.80 -14.73
O5 FUL C . 23.51 43.05 -17.00
C1 NAG C . 25.41 42.09 -21.86
C2 NAG C . 26.07 41.76 -23.20
C3 NAG C . 27.57 41.46 -23.10
C4 NAG C . 28.28 42.36 -22.10
C5 NAG C . 27.49 42.43 -20.80
C6 NAG C . 28.19 43.33 -19.78
C7 NAG C . 25.28 40.55 -25.16
C8 NAG C . 24.61 39.33 -25.70
N2 NAG C . 25.41 40.64 -23.84
O3 NAG C . 28.15 41.63 -24.37
O4 NAG C . 29.58 41.87 -21.86
O5 NAG C . 26.21 42.94 -21.06
O6 NAG C . 29.46 42.80 -19.46
O7 NAG C . 25.68 41.44 -25.92
C1 NAG D . 7.04 23.30 -32.06
C2 NAG D . 6.57 23.03 -33.49
C3 NAG D . 5.19 23.65 -33.70
C4 NAG D . 4.21 23.25 -32.60
C5 NAG D . 4.84 23.35 -31.21
C6 NAG D . 3.94 22.69 -30.17
C7 NAG D . 8.38 22.84 -35.09
C8 NAG D . 9.56 23.55 -35.70
N2 NAG D . 7.54 23.60 -34.41
O3 NAG D . 4.69 23.21 -34.96
O4 NAG D . 3.00 24.00 -32.61
O5 NAG D . 6.11 22.72 -31.17
O6 NAG D . 4.24 21.32 -30.07
O7 NAG D . 8.23 21.62 -35.23
C1 NAG D . 3.20 25.42 -32.86
C2 NAG D . 2.90 25.82 -34.31
C3 NAG D . 1.44 26.22 -34.50
C4 NAG D . 0.57 25.60 -33.41
C5 NAG D . 1.03 26.09 -32.04
C6 NAG D . 0.52 25.17 -30.94
C7 NAG D . 4.51 26.81 -35.86
C8 NAG D . 5.81 27.54 -35.85
N2 NAG D . 3.77 26.90 -34.75
O3 NAG D . 0.98 25.80 -35.77
O4 NAG D . -0.78 25.95 -33.62
O5 NAG D . 2.45 26.22 -31.97
O6 NAG D . 0.55 23.82 -31.36
O7 NAG D . 4.16 26.16 -36.85
C1 NAG E . 9.13 -13.92 34.90
C2 NAG E . 10.17 -14.45 33.91
C3 NAG E . 10.07 -15.98 33.75
C4 NAG E . 10.25 -16.55 35.14
C5 NAG E . 9.18 -15.99 36.08
C6 NAG E . 9.29 -16.63 37.47
C7 NAG E . 11.07 -12.78 32.41
C8 NAG E . 12.48 -13.27 32.17
N2 NAG E . 10.15 -13.72 32.66
O3 NAG E . 11.07 -16.47 32.89
O4 NAG E . 10.23 -17.97 35.30
O5 NAG E . 9.28 -14.57 36.15
O6 NAG E . 10.64 -16.73 37.90
O7 NAG E . 10.82 -11.58 32.38
C1 FUL E . 10.93 -16.14 31.48
C2 FUL E . 9.58 -16.57 30.90
O2 FUL E . 8.54 -15.76 31.38
C3 FUL E . 9.55 -16.50 29.38
O3 FUL E . 8.40 -17.18 28.90
C4 FUL E . 10.81 -17.08 28.76
O4 FUL E . 10.87 -18.48 28.94
C5 FUL E . 12.04 -16.44 29.40
C6 FUL E . 13.33 -16.98 28.79
O5 FUL E . 12.02 -16.72 30.77
C1 NAG E . 9.62 -18.71 34.23
C2 NAG E . 10.63 -19.79 33.85
C3 NAG E . 10.04 -21.00 33.13
C4 NAG E . 8.77 -21.47 33.82
C5 NAG E . 7.79 -20.32 33.99
C6 NAG E . 6.58 -20.79 34.77
C7 NAG E . 12.94 -19.10 33.53
C8 NAG E . 13.92 -18.34 32.69
N2 NAG E . 11.70 -19.21 33.05
O3 NAG E . 10.98 -22.05 33.14
O4 NAG E . 8.18 -22.49 33.04
O5 NAG E . 8.37 -19.23 34.68
O6 NAG E . 6.95 -21.15 36.07
O7 NAG E . 13.29 -19.59 34.61
C1 GOL F . -3.42 31.88 -13.71
O1 GOL F . -3.35 31.57 -15.09
C2 GOL F . -2.03 32.29 -13.26
O2 GOL F . -1.37 31.15 -12.78
C3 GOL F . -2.11 33.32 -12.12
O3 GOL F . -1.06 34.25 -12.23
C1 GOL G . 21.88 3.34 -28.86
O1 GOL G . 22.08 3.31 -30.26
C2 GOL G . 22.30 4.70 -28.30
O2 GOL G . 22.94 5.46 -29.30
C3 GOL G . 23.27 4.47 -27.17
O3 GOL G . 24.34 3.67 -27.64
C1 GOL H . 10.47 -22.57 -24.11
O1 GOL H . 9.61 -21.94 -23.17
C2 GOL H . 11.89 -22.57 -23.57
O2 GOL H . 12.15 -23.79 -22.93
C3 GOL H . 12.04 -21.45 -22.56
O3 GOL H . 13.33 -21.46 -21.98
C1 GOL I . 13.40 42.49 -23.44
O1 GOL I . 13.82 43.39 -22.44
C2 GOL I . 13.67 43.16 -24.78
O2 GOL I . 12.94 42.49 -25.77
C3 GOL I . 15.17 43.03 -25.03
O3 GOL I . 15.86 43.20 -23.79
C1 GOL J . 7.77 31.32 -8.82
O1 GOL J . 8.81 30.41 -8.55
C2 GOL J . 8.08 31.90 -10.20
O2 GOL J . 8.23 30.85 -11.12
C3 GOL J . 9.43 32.61 -10.08
O3 GOL J . 9.52 33.14 -8.77
C1 NAG K . -10.95 -1.03 26.83
C2 NAG K . -11.68 -0.13 27.82
C3 NAG K . -12.19 -0.92 29.02
C4 NAG K . -12.99 -2.13 28.53
C5 NAG K . -12.14 -2.97 27.58
C6 NAG K . -12.90 -4.20 27.07
C7 NAG K . -9.71 0.76 28.96
C8 NAG K . -9.04 1.99 29.50
N2 NAG K . -10.81 0.96 28.23
O3 NAG K . -12.97 -0.11 29.86
O4 NAG K . -13.42 -2.93 29.63
O5 NAG K . -11.70 -2.19 26.49
O6 NAG K . -12.02 -5.13 26.49
O7 NAG K . -9.23 -0.36 29.19
C1 GOL L . -0.63 -23.89 56.15
O1 GOL L . -1.07 -22.96 55.18
C2 GOL L . 0.88 -23.97 56.06
O2 GOL L . 1.30 -25.22 56.56
C3 GOL L . 1.40 -22.92 57.01
O3 GOL L . 0.83 -21.70 56.60
C1 GOL M . 1.07 -22.76 32.03
O1 GOL M . -0.19 -23.39 31.88
C2 GOL M . 1.29 -21.57 31.07
O2 GOL M . 0.13 -20.99 30.51
C3 GOL M . 2.38 -21.91 30.05
O3 GOL M . 3.63 -21.70 30.67
C1 GOL N . -4.99 -37.32 47.98
O1 GOL N . -4.47 -38.61 48.24
C2 GOL N . -4.60 -37.02 46.55
O2 GOL N . -4.82 -38.21 45.81
C3 GOL N . -3.10 -36.72 46.52
O3 GOL N . -2.82 -35.96 45.35
C1 GOL O . -5.71 -24.77 33.80
O1 GOL O . -5.29 -23.42 33.74
C2 GOL O . -4.57 -25.65 33.30
O2 GOL O . -4.62 -26.88 33.98
C3 GOL O . -3.27 -24.92 33.64
O3 GOL O . -3.06 -23.88 32.70
#